data_3JTX
#
_entry.id   3JTX
#
_cell.length_a   112.617
_cell.length_b   116.890
_cell.length_c   145.326
_cell.angle_alpha   90.000
_cell.angle_beta   90.000
_cell.angle_gamma   90.000
#
_symmetry.space_group_name_H-M   'C 2 2 21'
#
loop_
_entity.id
_entity.type
_entity.pdbx_description
1 polymer aminotransferase
2 non-polymer '2-(N-MORPHOLINO)-ETHANESULFONIC ACID'
3 non-polymer GLYCEROL
4 non-polymer 'CALCIUM ION'
5 non-polymer 'ACETATE ION'
6 water water
#
_entity_poly.entity_id   1
_entity_poly.type   'polypeptide(L)'
_entity_poly.pdbx_seq_one_letter_code
;G(MSE)NTLLKQLKPYPFARLHEA(MSE)QGISAPEG(MSE)EAVPLHIGEPKHPTPKVITDALTASLHELEKYPLTAGL
PELRQACANWLKRRYDGLTVDADNEILPVLGSREALFSFVQTVLNPVSDGIKPAIVSPNPFYQIYEGATLLGGGEIHFAN
CPAPSFNPDWRSISEEVWKRTKLVFVCSPNNPSGSVLDLDGWKEVFDLQDKYGFIIASDECYSEIYFDGNKPLGCLQAAA
QLGRSRQKLL(MSE)FTSLS(LLP)RSNVPGLRSGFVAGDAELLKNFLLYRTYHGSA(MSE)SIPVQRASIAAWDDEQHV
IDNRRLYQEKFERVIPILQQVFDVKLPDASFYIWLKVPDGDDLAFARNLWQKAAIQVLPGRFLARDTEQGNPGEGYVRIA
LVADVATCVKAAEDIVSLYR
;
_entity_poly.pdbx_strand_id   A,B
#
# COMPACT_ATOMS: atom_id res chain seq x y z
N GLY A 1 0.94 13.37 -20.18
CA GLY A 1 0.56 11.95 -19.92
C GLY A 1 1.23 11.45 -18.65
N ASN A 3 3.75 9.33 -17.76
CA ASN A 3 5.19 9.40 -17.62
C ASN A 3 5.79 10.80 -17.58
N THR A 4 5.30 11.72 -18.41
CA THR A 4 5.83 13.09 -18.36
C THR A 4 5.47 13.76 -17.03
N LEU A 5 4.28 13.50 -16.51
CA LEU A 5 3.86 14.01 -15.20
C LEU A 5 4.77 13.48 -14.09
N LEU A 6 5.02 12.16 -14.11
CA LEU A 6 5.88 11.53 -13.12
C LEU A 6 7.31 12.09 -13.17
N LYS A 7 7.79 12.43 -14.37
CA LYS A 7 9.13 13.04 -14.52
C LYS A 7 9.14 14.44 -13.91
N GLN A 8 8.01 15.12 -13.98
CA GLN A 8 7.89 16.49 -13.53
C GLN A 8 7.78 16.61 -12.00
N LEU A 9 6.99 15.74 -11.40
CA LEU A 9 6.73 15.80 -9.96
C LEU A 9 8.01 15.57 -9.10
N LYS A 10 8.15 16.40 -8.06
CA LYS A 10 9.28 16.31 -7.11
C LYS A 10 8.74 15.95 -5.74
N PRO A 11 8.76 14.63 -5.41
CA PRO A 11 8.09 14.19 -4.16
C PRO A 11 8.80 14.60 -2.88
N TYR A 12 10.09 14.97 -2.97
CA TYR A 12 10.91 15.26 -1.78
C TYR A 12 11.64 16.62 -1.92
N PRO A 13 10.99 17.70 -1.45
CA PRO A 13 11.60 19.03 -1.51
C PRO A 13 13.03 19.07 -0.93
N PHE A 14 13.25 18.36 0.20
CA PHE A 14 14.56 18.38 0.90
C PHE A 14 15.70 18.12 -0.08
N ALA A 15 15.45 17.28 -1.08
CA ALA A 15 16.47 17.00 -2.10
C ALA A 15 16.83 18.22 -2.94
N ARG A 16 15.89 19.14 -3.12
CA ARG A 16 16.12 20.31 -3.99
C ARG A 16 17.10 21.33 -3.43
N LEU A 17 17.34 21.25 -2.12
CA LEU A 17 18.35 22.06 -1.50
C LEU A 17 19.71 21.83 -2.19
N HIS A 18 20.00 20.58 -2.55
CA HIS A 18 21.30 20.21 -3.10
C HIS A 18 21.62 20.95 -4.40
N GLU A 19 20.73 20.90 -5.39
CA GLU A 19 20.93 21.64 -6.66
C GLU A 19 21.16 23.12 -6.36
N ALA A 20 20.36 23.68 -5.45
CA ALA A 20 20.42 25.10 -5.11
C ALA A 20 21.73 25.53 -4.43
N GLN A 22 24.54 24.38 -5.48
CA GLN A 22 25.50 23.88 -6.49
C GLN A 22 26.82 24.59 -6.41
N GLY A 23 27.86 23.83 -6.08
CA GLY A 23 29.22 24.36 -6.02
C GLY A 23 29.48 25.31 -4.86
N ILE A 24 28.68 25.21 -3.81
CA ILE A 24 28.96 25.91 -2.56
C ILE A 24 29.26 24.80 -1.57
N SER A 25 30.47 24.83 -1.01
CA SER A 25 30.88 23.82 -0.03
C SER A 25 30.72 24.38 1.38
N ALA A 26 30.40 23.49 2.31
CA ALA A 26 30.37 23.83 3.72
C ALA A 26 31.82 23.89 4.21
N PRO A 27 32.09 24.63 5.29
CA PRO A 27 33.48 24.72 5.77
C PRO A 27 34.10 23.37 6.10
N GLU A 28 35.42 23.27 5.91
CA GLU A 28 36.16 22.10 6.31
C GLU A 28 35.96 21.83 7.80
N GLY A 29 35.73 20.57 8.14
CA GLY A 29 35.73 20.12 9.53
C GLY A 29 34.47 20.47 10.29
N GLU A 31 30.50 19.50 10.73
CA GLU A 31 29.51 18.47 10.47
C GLU A 31 28.23 19.17 10.00
N ALA A 32 27.66 18.70 8.91
CA ALA A 32 26.41 19.27 8.40
C ALA A 32 25.32 19.16 9.48
N VAL A 33 24.48 20.18 9.59
CA VAL A 33 23.39 20.19 10.57
C VAL A 33 22.05 20.12 9.81
N PRO A 34 21.43 18.93 9.79
CA PRO A 34 20.27 18.73 8.93
C PRO A 34 18.99 19.23 9.58
N LEU A 35 18.63 20.48 9.32
CA LEU A 35 17.35 21.02 9.84
C LEU A 35 16.32 21.15 8.73
N HIS A 36 16.65 20.62 7.56
CA HIS A 36 15.84 20.77 6.36
C HIS A 36 14.82 19.64 6.10
N ILE A 37 14.94 18.51 6.81
CA ILE A 37 14.15 17.32 6.49
C ILE A 37 12.97 17.15 7.46
N GLY A 38 11.80 16.81 6.94
CA GLY A 38 10.58 16.77 7.77
C GLY A 38 10.29 15.37 8.29
N GLU A 39 11.24 14.82 9.05
CA GLU A 39 11.19 13.44 9.52
C GLU A 39 11.84 13.39 10.89
N PRO A 40 11.26 12.60 11.82
CA PRO A 40 11.79 12.55 13.18
C PRO A 40 13.10 11.78 13.27
N LYS A 41 13.83 12.02 14.36
CA LYS A 41 15.10 11.36 14.63
C LYS A 41 15.19 10.79 16.05
N HIS A 42 14.07 10.74 16.77
CA HIS A 42 14.06 10.14 18.10
C HIS A 42 13.85 8.64 17.95
N PRO A 43 14.37 7.85 18.91
CA PRO A 43 14.31 6.40 18.79
C PRO A 43 12.93 5.78 19.05
N THR A 44 12.72 4.60 18.47
CA THR A 44 11.49 3.82 18.66
C THR A 44 11.41 3.30 20.09
N PRO A 45 10.23 3.44 20.72
CA PRO A 45 10.03 2.94 22.08
C PRO A 45 9.88 1.43 22.19
N LYS A 46 10.35 0.89 23.30
CA LYS A 46 10.31 -0.53 23.58
C LYS A 46 8.90 -1.11 23.69
N VAL A 47 7.94 -0.33 24.19
CA VAL A 47 6.56 -0.83 24.31
C VAL A 47 6.02 -1.33 22.96
N ILE A 48 6.41 -0.65 21.87
CA ILE A 48 5.98 -1.02 20.52
C ILE A 48 6.76 -2.24 19.99
N THR A 49 8.08 -2.23 20.14
CA THR A 49 8.90 -3.30 19.59
C THR A 49 8.66 -4.61 20.34
N ASP A 50 8.43 -4.52 21.65
CA ASP A 50 8.03 -5.67 22.45
C ASP A 50 6.77 -6.37 21.91
N ALA A 51 5.73 -5.59 21.61
CA ALA A 51 4.43 -6.13 21.13
C ALA A 51 4.56 -6.76 19.74
N LEU A 52 5.34 -6.12 18.87
CA LEU A 52 5.63 -6.67 17.54
C LEU A 52 6.32 -8.04 17.65
N THR A 53 7.46 -8.11 18.36
CA THR A 53 8.17 -9.38 18.55
C THR A 53 7.31 -10.50 19.12
N ALA A 54 6.49 -10.16 20.12
CA ALA A 54 5.65 -11.13 20.80
C ALA A 54 4.62 -11.78 19.87
N SER A 55 4.30 -11.12 18.76
CA SER A 55 3.21 -11.59 17.91
C SER A 55 3.67 -12.10 16.55
N LEU A 56 4.97 -12.30 16.38
CA LEU A 56 5.52 -12.60 15.03
C LEU A 56 5.03 -13.95 14.44
N HIS A 57 4.59 -14.88 15.29
CA HIS A 57 3.98 -16.11 14.80
CA HIS A 57 3.95 -16.13 14.84
C HIS A 57 2.78 -15.84 13.90
N GLU A 58 2.12 -14.70 14.11
CA GLU A 58 0.96 -14.30 13.32
C GLU A 58 1.26 -13.80 11.89
N LEU A 59 2.53 -13.76 11.49
CA LEU A 59 2.90 -13.58 10.08
C LEU A 59 2.37 -14.71 9.19
N GLU A 60 2.04 -15.87 9.78
CA GLU A 60 1.51 -17.00 9.00
C GLU A 60 0.09 -16.75 8.42
N LYS A 61 -0.57 -15.68 8.85
CA LYS A 61 -1.95 -15.39 8.46
CA LYS A 61 -1.96 -15.37 8.48
C LYS A 61 -2.09 -14.15 7.58
N TYR A 62 -3.00 -14.22 6.58
CA TYR A 62 -3.41 -13.02 5.84
C TYR A 62 -4.29 -12.15 6.69
N PRO A 63 -3.96 -10.86 6.83
CA PRO A 63 -4.86 -9.95 7.51
C PRO A 63 -6.02 -9.52 6.64
N LEU A 64 -7.15 -9.24 7.27
CA LEU A 64 -8.30 -8.67 6.57
C LEU A 64 -8.06 -7.18 6.42
N THR A 65 -8.55 -6.61 5.33
CA THR A 65 -8.28 -5.18 5.04
C THR A 65 -8.80 -4.24 6.10
N ALA A 66 -9.94 -4.58 6.70
CA ALA A 66 -10.55 -3.73 7.73
C ALA A 66 -9.78 -3.74 9.05
N GLY A 67 -8.88 -4.70 9.24
CA GLY A 67 -8.10 -4.80 10.47
C GLY A 67 -8.83 -5.52 11.58
N LEU A 68 -8.10 -5.83 12.64
CA LEU A 68 -8.67 -6.54 13.79
C LEU A 68 -9.64 -5.64 14.54
N PRO A 69 -10.75 -6.21 15.03
CA PRO A 69 -11.61 -5.40 15.87
C PRO A 69 -10.85 -4.67 16.98
N GLU A 70 -9.89 -5.35 17.62
CA GLU A 70 -9.17 -4.75 18.74
C GLU A 70 -8.24 -3.59 18.31
N LEU A 71 -7.76 -3.57 17.06
CA LEU A 71 -7.03 -2.39 16.59
C LEU A 71 -7.97 -1.20 16.37
N ARG A 72 -9.11 -1.43 15.71
CA ARG A 72 -10.05 -0.33 15.49
C ARG A 72 -10.55 0.24 16.83
N GLN A 73 -10.72 -0.65 17.81
CA GLN A 73 -11.16 -0.24 19.15
C GLN A 73 -10.09 0.55 19.90
N ALA A 74 -8.82 0.16 19.72
CA ALA A 74 -7.70 0.92 20.30
C ALA A 74 -7.68 2.35 19.73
N CYS A 75 -7.93 2.47 18.44
CA CYS A 75 -8.04 3.78 17.81
C CYS A 75 -9.20 4.58 18.38
N ALA A 76 -10.36 3.94 18.49
CA ALA A 76 -11.57 4.56 19.08
C ALA A 76 -11.34 5.02 20.51
N ASN A 77 -10.68 4.16 21.30
CA ASN A 77 -10.36 4.48 22.68
C ASN A 77 -9.38 5.66 22.78
N TRP A 78 -8.35 5.67 21.93
CA TRP A 78 -7.42 6.78 21.86
C TRP A 78 -8.10 8.12 21.53
N LEU A 79 -8.99 8.10 20.54
CA LEU A 79 -9.75 9.30 20.15
C LEU A 79 -10.58 9.87 21.31
N LYS A 80 -11.21 8.98 22.07
CA LYS A 80 -12.02 9.41 23.21
C LYS A 80 -11.16 10.07 24.29
N ARG A 81 -9.99 9.49 24.55
CA ARG A 81 -9.04 10.07 25.50
C ARG A 81 -8.50 11.40 25.02
N ARG A 82 -8.18 11.47 23.73
CA ARG A 82 -7.44 12.60 23.19
C ARG A 82 -8.32 13.82 22.93
N TYR A 83 -9.57 13.58 22.53
CA TYR A 83 -10.50 14.64 22.16
C TYR A 83 -11.69 14.74 23.13
N ASP A 84 -11.37 14.66 24.42
CA ASP A 84 -12.27 14.99 25.50
C ASP A 84 -13.64 14.32 25.37
N GLY A 85 -13.63 13.01 25.19
CA GLY A 85 -14.86 12.21 25.12
C GLY A 85 -15.45 11.94 23.75
N LEU A 86 -14.79 12.41 22.70
CA LEU A 86 -15.21 12.11 21.33
C LEU A 86 -15.49 10.62 21.17
N THR A 87 -16.71 10.29 20.74
CA THR A 87 -17.13 8.90 20.53
CA THR A 87 -17.13 8.91 20.54
C THR A 87 -17.22 8.60 19.04
N VAL A 88 -16.33 7.71 18.59
CA VAL A 88 -16.22 7.31 17.19
C VAL A 88 -16.37 5.78 17.17
N ASP A 89 -17.20 5.26 16.28
CA ASP A 89 -17.58 3.84 16.32
C ASP A 89 -16.53 2.98 15.62
N ALA A 90 -15.86 2.11 16.38
CA ALA A 90 -14.83 1.22 15.84
C ALA A 90 -15.38 0.30 14.75
N ASP A 91 -16.66 -0.04 14.82
CA ASP A 91 -17.29 -0.94 13.83
C ASP A 91 -17.48 -0.34 12.44
N ASN A 92 -17.57 1.00 12.31
CA ASN A 92 -17.83 1.54 10.97
CA ASN A 92 -18.00 1.64 11.05
C ASN A 92 -17.23 2.91 10.65
N GLU A 93 -16.58 3.56 11.61
CA GLU A 93 -16.01 4.90 11.40
C GLU A 93 -14.49 4.98 11.42
N ILE A 94 -13.83 3.82 11.47
CA ILE A 94 -12.37 3.76 11.54
C ILE A 94 -11.81 2.67 10.62
N LEU A 95 -10.83 3.01 9.79
CA LEU A 95 -10.04 1.98 9.07
C LEU A 95 -8.56 2.15 9.38
N PRO A 96 -7.87 1.06 9.68
CA PRO A 96 -6.40 1.20 9.74
C PRO A 96 -5.79 1.40 8.35
N VAL A 97 -4.67 2.13 8.30
CA VAL A 97 -3.98 2.38 7.04
C VAL A 97 -2.48 2.19 7.21
N LEU A 98 -1.78 1.91 6.12
CA LEU A 98 -0.36 1.56 6.16
C LEU A 98 0.50 2.82 6.03
N GLY A 99 0.33 3.71 6.99
CA GLY A 99 0.84 5.07 6.91
C GLY A 99 -0.17 5.98 6.23
N SER A 100 -0.17 7.27 6.59
CA SER A 100 -1.13 8.18 6.00
C SER A 100 -0.86 8.42 4.51
N ARG A 101 0.40 8.26 4.06
CA ARG A 101 0.70 8.52 2.63
C ARG A 101 -0.18 7.69 1.68
N GLU A 102 -0.14 6.36 1.81
CA GLU A 102 -0.93 5.50 0.93
C GLU A 102 -2.42 5.81 1.05
N ALA A 103 -2.85 6.15 2.25
CA ALA A 103 -4.25 6.42 2.57
C ALA A 103 -4.73 7.68 1.88
N LEU A 104 -3.96 8.76 1.99
CA LEU A 104 -4.31 10.03 1.36
C LEU A 104 -4.32 9.86 -0.17
N PHE A 105 -3.28 9.20 -0.69
CA PHE A 105 -3.18 8.99 -2.14
C PHE A 105 -4.35 8.18 -2.69
N SER A 106 -4.60 7.01 -2.10
CA SER A 106 -5.68 6.16 -2.58
C SER A 106 -7.05 6.80 -2.41
N PHE A 107 -7.29 7.48 -1.29
CA PHE A 107 -8.58 8.12 -1.12
C PHE A 107 -8.86 9.14 -2.22
N VAL A 108 -7.87 9.95 -2.54
CA VAL A 108 -7.97 10.92 -3.63
C VAL A 108 -8.30 10.23 -4.96
N GLN A 109 -7.62 9.12 -5.26
CA GLN A 109 -7.90 8.42 -6.53
C GLN A 109 -9.39 8.04 -6.63
N THR A 110 -9.98 7.57 -5.53
CA THR A 110 -11.40 7.19 -5.52
C THR A 110 -12.36 8.39 -5.68
N VAL A 111 -11.94 9.56 -5.24
CA VAL A 111 -12.77 10.75 -5.35
C VAL A 111 -12.76 11.35 -6.76
N LEU A 112 -11.65 11.21 -7.47
CA LEU A 112 -11.49 11.77 -8.80
C LEU A 112 -11.91 10.72 -9.86
N ASN A 113 -12.80 11.09 -10.76
CA ASN A 113 -13.37 10.16 -11.77
C ASN A 113 -13.70 10.93 -13.05
N PRO A 114 -12.71 11.65 -13.62
CA PRO A 114 -12.95 12.77 -14.55
C PRO A 114 -13.92 12.49 -15.72
N GLY A 118 -17.21 15.63 -19.01
CA GLY A 118 -16.09 16.33 -19.60
C GLY A 118 -15.51 17.41 -18.68
N ILE A 119 -16.08 17.56 -17.49
CA ILE A 119 -15.71 18.66 -16.58
C ILE A 119 -14.59 18.21 -15.62
N LYS A 120 -13.46 18.93 -15.63
CA LYS A 120 -12.29 18.51 -14.85
C LYS A 120 -12.48 18.79 -13.35
N PRO A 121 -12.43 17.75 -12.52
CA PRO A 121 -12.67 17.95 -11.09
C PRO A 121 -11.50 18.64 -10.42
N ALA A 122 -11.80 19.45 -9.39
CA ALA A 122 -10.81 20.21 -8.67
C ALA A 122 -10.62 19.69 -7.24
N ILE A 123 -9.41 19.83 -6.74
CA ILE A 123 -9.12 19.66 -5.31
C ILE A 123 -8.43 20.92 -4.83
N VAL A 124 -8.76 21.36 -3.61
CA VAL A 124 -8.14 22.56 -3.04
C VAL A 124 -7.17 22.17 -1.92
N SER A 125 -5.96 22.75 -1.96
CA SER A 125 -4.87 22.48 -1.01
C SER A 125 -4.39 23.76 -0.36
N PRO A 126 -3.87 23.68 0.88
CA PRO A 126 -3.17 24.85 1.40
C PRO A 126 -1.92 25.11 0.57
N ASN A 127 -1.39 26.33 0.68
CA ASN A 127 -0.15 26.73 0.01
C ASN A 127 0.60 27.69 0.94
N PRO A 128 1.79 27.28 1.44
CA PRO A 128 2.56 26.06 1.16
C PRO A 128 1.83 24.74 1.41
N PHE A 129 2.22 23.71 0.64
CA PHE A 129 1.50 22.42 0.64
C PHE A 129 2.43 21.26 0.97
N TYR A 130 1.82 20.11 1.26
CA TYR A 130 2.54 18.84 1.41
C TYR A 130 2.48 18.12 0.09
N GLN A 131 3.65 17.70 -0.37
CA GLN A 131 3.87 17.01 -1.67
C GLN A 131 2.76 16.09 -2.15
N ILE A 132 2.29 15.20 -1.27
CA ILE A 132 1.30 14.18 -1.61
CA ILE A 132 1.32 14.17 -1.66
C ILE A 132 0.00 14.81 -2.12
N TYR A 133 -0.39 15.96 -1.55
CA TYR A 133 -1.64 16.61 -1.98
C TYR A 133 -1.62 16.91 -3.48
N GLU A 134 -0.49 17.43 -3.95
CA GLU A 134 -0.32 17.78 -5.36
C GLU A 134 -0.22 16.51 -6.23
N GLY A 135 0.66 15.59 -5.85
CA GLY A 135 0.84 14.39 -6.64
C GLY A 135 -0.42 13.55 -6.77
N ALA A 136 -1.12 13.37 -5.66
CA ALA A 136 -2.32 12.53 -5.64
C ALA A 136 -3.39 13.10 -6.56
N THR A 137 -3.58 14.42 -6.49
CA THR A 137 -4.54 15.11 -7.31
C THR A 137 -4.21 14.98 -8.79
N LEU A 138 -2.97 15.31 -9.16
CA LEU A 138 -2.56 15.30 -10.58
C LEU A 138 -2.56 13.89 -11.16
N LEU A 139 -2.00 12.93 -10.42
CA LEU A 139 -2.03 11.54 -10.88
C LEU A 139 -3.45 10.99 -10.95
N GLY A 140 -4.38 11.50 -10.15
CA GLY A 140 -5.78 11.14 -10.25
C GLY A 140 -6.59 11.83 -11.35
N GLY A 141 -5.96 12.69 -12.14
CA GLY A 141 -6.64 13.41 -13.21
C GLY A 141 -7.40 14.64 -12.77
N GLY A 142 -7.13 15.11 -11.55
CA GLY A 142 -7.77 16.30 -11.02
C GLY A 142 -6.91 17.52 -11.24
N GLU A 143 -7.51 18.69 -11.00
CA GLU A 143 -6.86 19.97 -11.11
C GLU A 143 -6.59 20.44 -9.68
N ILE A 144 -5.34 20.81 -9.37
CA ILE A 144 -5.04 21.28 -8.02
C ILE A 144 -5.12 22.81 -7.94
N HIS A 145 -5.80 23.30 -6.90
CA HIS A 145 -5.97 24.71 -6.66
C HIS A 145 -5.52 25.03 -5.26
N PHE A 146 -5.00 26.23 -5.06
CA PHE A 146 -4.26 26.58 -3.85
C PHE A 146 -4.89 27.73 -3.06
N ALA A 147 -5.15 27.47 -1.78
CA ALA A 147 -5.57 28.49 -0.82
C ALA A 147 -4.34 28.92 -0.02
N ASN A 148 -3.84 30.13 -0.28
CA ASN A 148 -2.60 30.63 0.33
C ASN A 148 -2.74 30.87 1.82
N CYS A 149 -1.63 30.65 2.52
CA CYS A 149 -1.57 30.74 3.98
C CYS A 149 -0.58 31.83 4.43
N PRO A 150 -1.02 33.10 4.41
CA PRO A 150 -0.15 34.22 4.75
C PRO A 150 -0.08 34.48 6.26
N ALA A 151 0.99 35.13 6.68
CA ALA A 151 1.16 35.60 8.06
C ALA A 151 0.05 36.57 8.44
N PRO A 152 -0.26 36.72 9.74
CA PRO A 152 0.35 36.05 10.91
C PRO A 152 -0.29 34.72 11.35
N SER A 153 -1.52 34.43 10.94
CA SER A 153 -2.20 33.20 11.36
C SER A 153 -1.69 31.96 10.58
N PHE A 154 -1.35 32.18 9.31
CA PHE A 154 -1.07 31.12 8.34
C PHE A 154 -2.28 30.17 8.10
N ASN A 155 -3.49 30.62 8.43
CA ASN A 155 -4.70 29.89 8.03
C ASN A 155 -4.94 30.06 6.54
N PRO A 156 -5.59 29.08 5.88
CA PRO A 156 -5.87 29.16 4.44
C PRO A 156 -6.82 30.29 4.05
N ASP A 157 -6.51 30.98 2.96
CA ASP A 157 -7.34 32.05 2.43
C ASP A 157 -8.28 31.51 1.34
N TRP A 158 -9.45 31.07 1.78
CA TRP A 158 -10.39 30.38 0.88
C TRP A 158 -11.01 31.29 -0.18
N ARG A 159 -11.03 32.61 0.05
CA ARG A 159 -11.76 33.51 -0.84
C ARG A 159 -11.00 33.75 -2.15
N SER A 160 -9.71 33.40 -2.18
CA SER A 160 -8.93 33.41 -3.42
C SER A 160 -9.36 32.30 -4.40
N ILE A 161 -10.17 31.34 -3.95
CA ILE A 161 -10.70 30.32 -4.83
C ILE A 161 -12.02 30.86 -5.40
N SER A 162 -12.16 30.87 -6.71
CA SER A 162 -13.37 31.39 -7.37
C SER A 162 -14.57 30.45 -7.21
N GLU A 163 -15.77 30.99 -7.43
CA GLU A 163 -17.00 30.20 -7.38
C GLU A 163 -16.97 29.11 -8.43
N GLU A 164 -16.43 29.43 -9.60
CA GLU A 164 -16.30 28.48 -10.70
C GLU A 164 -15.50 27.24 -10.27
N VAL A 165 -14.38 27.46 -9.61
CA VAL A 165 -13.60 26.34 -9.07
C VAL A 165 -14.36 25.64 -7.96
N TRP A 166 -14.91 26.39 -7.00
CA TRP A 166 -15.65 25.75 -5.89
C TRP A 166 -16.72 24.81 -6.40
N LYS A 167 -17.44 25.20 -7.45
CA LYS A 167 -18.51 24.37 -7.98
C LYS A 167 -18.03 23.02 -8.52
N ARG A 168 -16.74 22.94 -8.89
CA ARG A 168 -16.12 21.71 -9.37
C ARG A 168 -15.25 21.00 -8.31
N THR A 169 -15.23 21.52 -7.08
CA THR A 169 -14.30 21.01 -6.08
C THR A 169 -14.85 19.78 -5.37
N LYS A 170 -14.09 18.69 -5.42
CA LYS A 170 -14.54 17.41 -4.87
C LYS A 170 -13.99 17.13 -3.49
N LEU A 171 -12.85 17.75 -3.18
CA LEU A 171 -12.18 17.50 -1.91
C LEU A 171 -11.33 18.70 -1.56
N VAL A 172 -11.25 18.99 -0.27
CA VAL A 172 -10.38 20.04 0.25
C VAL A 172 -9.47 19.38 1.28
N PHE A 173 -8.16 19.64 1.21
CA PHE A 173 -7.22 19.20 2.25
C PHE A 173 -7.06 20.27 3.34
N VAL A 174 -7.01 19.84 4.58
CA VAL A 174 -6.53 20.65 5.71
C VAL A 174 -5.33 19.94 6.34
N CYS A 175 -4.27 20.67 6.65
CA CYS A 175 -3.13 20.09 7.34
C CYS A 175 -2.98 20.82 8.66
N SER A 176 -3.31 20.14 9.75
CA SER A 176 -3.42 20.78 11.08
C SER A 176 -3.02 19.81 12.19
N PRO A 177 -1.91 20.10 12.91
CA PRO A 177 -0.97 21.21 12.71
C PRO A 177 -0.35 21.22 11.32
N ASN A 178 -0.09 22.40 10.79
CA ASN A 178 0.41 22.53 9.43
C ASN A 178 1.91 22.29 9.31
N ASN A 179 2.28 21.59 8.24
CA ASN A 179 3.65 21.55 7.74
C ASN A 179 3.63 22.45 6.52
N PRO A 180 4.39 23.56 6.53
CA PRO A 180 5.48 23.96 7.45
C PRO A 180 5.16 24.96 8.56
N SER A 181 3.97 25.56 8.57
CA SER A 181 3.74 26.76 9.42
C SER A 181 3.53 26.48 10.91
N GLY A 182 3.19 25.24 11.25
CA GLY A 182 2.85 24.84 12.61
C GLY A 182 1.44 25.26 13.04
N SER A 183 0.72 25.94 12.15
CA SER A 183 -0.57 26.51 12.49
C SER A 183 -1.61 25.43 12.72
N VAL A 184 -2.41 25.61 13.77
CA VAL A 184 -3.53 24.72 14.05
C VAL A 184 -4.82 25.45 13.66
N LEU A 185 -5.57 24.91 12.71
CA LEU A 185 -6.81 25.52 12.29
C LEU A 185 -7.75 25.59 13.51
N ASP A 186 -8.33 26.75 13.76
CA ASP A 186 -9.09 26.94 14.97
C ASP A 186 -10.59 26.81 14.74
N LEU A 187 -11.41 27.08 15.75
CA LEU A 187 -12.85 26.94 15.56
C LEU A 187 -13.41 27.86 14.46
N ASP A 188 -12.91 29.09 14.37
CA ASP A 188 -13.38 30.02 13.32
C ASP A 188 -13.02 29.48 11.94
N GLY A 189 -11.81 28.97 11.82
CA GLY A 189 -11.31 28.42 10.56
C GLY A 189 -12.09 27.17 10.17
N TRP A 190 -12.33 26.29 11.14
CA TRP A 190 -13.16 25.11 10.87
C TRP A 190 -14.60 25.48 10.48
N LYS A 191 -15.19 26.43 11.20
CA LYS A 191 -16.52 26.90 10.84
C LYS A 191 -16.57 27.40 9.39
N GLU A 192 -15.56 28.15 8.99
CA GLU A 192 -15.52 28.66 7.62
C GLU A 192 -15.52 27.55 6.57
N VAL A 193 -14.66 26.54 6.75
CA VAL A 193 -14.59 25.48 5.77
CA VAL A 193 -14.56 25.42 5.82
C VAL A 193 -15.85 24.60 5.81
N PHE A 194 -16.44 24.42 6.99
CA PHE A 194 -17.68 23.70 7.12
C PHE A 194 -18.82 24.41 6.36
N ASP A 195 -18.88 25.74 6.48
CA ASP A 195 -19.90 26.50 5.77
C ASP A 195 -19.68 26.38 4.25
N LEU A 196 -18.44 26.43 3.80
CA LEU A 196 -18.13 26.19 2.38
C LEU A 196 -18.56 24.78 1.94
N GLN A 197 -18.34 23.79 2.81
CA GLN A 197 -18.80 22.43 2.54
C GLN A 197 -20.33 22.38 2.37
N ASP A 198 -21.06 23.06 3.24
CA ASP A 198 -22.52 23.07 3.12
C ASP A 198 -22.96 23.69 1.82
N LYS A 199 -22.21 24.68 1.36
CA LYS A 199 -22.54 25.39 0.13
C LYS A 199 -22.21 24.54 -1.11
N TYR A 200 -21.05 23.89 -1.11
CA TYR A 200 -20.50 23.26 -2.33
C TYR A 200 -20.40 21.73 -2.30
N GLY A 201 -20.45 21.11 -1.13
CA GLY A 201 -20.57 19.65 -1.04
C GLY A 201 -19.33 18.79 -1.20
N PHE A 202 -18.14 19.38 -1.13
CA PHE A 202 -16.88 18.62 -1.20
C PHE A 202 -16.66 17.82 0.09
N ILE A 203 -15.73 16.86 0.02
CA ILE A 203 -15.28 16.07 1.14
C ILE A 203 -14.13 16.81 1.77
N ILE A 204 -14.02 16.78 3.10
CA ILE A 204 -12.86 17.35 3.79
C ILE A 204 -11.94 16.23 4.26
N ALA A 205 -10.65 16.32 3.88
CA ALA A 205 -9.63 15.40 4.32
C ALA A 205 -8.65 16.18 5.18
N SER A 206 -8.58 15.84 6.47
CA SER A 206 -7.74 16.52 7.43
C SER A 206 -6.53 15.68 7.86
N ASP A 207 -5.35 16.16 7.49
CA ASP A 207 -4.08 15.51 7.78
C ASP A 207 -3.59 15.98 9.14
N GLU A 208 -3.73 15.10 10.14
CA GLU A 208 -3.49 15.45 11.54
C GLU A 208 -2.31 14.73 12.18
N CYS A 209 -1.31 14.35 11.37
CA CYS A 209 -0.20 13.54 11.86
C CYS A 209 0.67 14.25 12.91
N TYR A 210 0.60 15.58 13.00
CA TYR A 210 1.35 16.31 14.05
C TYR A 210 0.54 16.59 15.31
N SER A 211 -0.65 15.99 15.43
CA SER A 211 -1.56 16.33 16.55
C SER A 211 -0.94 16.20 17.94
N GLU A 212 0.07 15.34 18.10
CA GLU A 212 0.66 15.08 19.41
C GLU A 212 1.94 15.84 19.69
N ILE A 213 2.43 16.61 18.71
CA ILE A 213 3.62 17.42 18.92
C ILE A 213 3.17 18.86 19.22
N TYR A 214 3.09 19.17 20.51
CA TYR A 214 2.58 20.45 20.99
C TYR A 214 3.23 20.83 22.32
N PHE A 215 2.91 22.03 22.80
CA PHE A 215 3.59 22.65 23.93
C PHE A 215 2.66 22.97 25.08
N ASP A 216 3.22 22.97 26.28
CA ASP A 216 2.60 23.60 27.45
C ASP A 216 1.13 23.22 27.66
N GLY A 217 0.78 21.96 27.41
CA GLY A 217 -0.60 21.49 27.61
C GLY A 217 -1.66 21.98 26.61
N ASN A 218 -1.25 22.66 25.56
CA ASN A 218 -2.18 23.24 24.59
CA ASN A 218 -2.19 23.25 24.60
C ASN A 218 -2.39 22.29 23.42
N LYS A 219 -3.30 21.35 23.60
CA LYS A 219 -3.55 20.27 22.64
C LYS A 219 -4.24 20.80 21.39
N PRO A 220 -3.71 20.49 20.18
CA PRO A 220 -4.40 20.97 18.98
C PRO A 220 -5.80 20.41 18.81
N LEU A 221 -6.72 21.31 18.45
CA LEU A 221 -8.04 20.95 18.00
C LEU A 221 -7.94 20.07 16.75
N GLY A 222 -8.77 19.03 16.70
CA GLY A 222 -8.85 18.16 15.52
C GLY A 222 -10.17 18.37 14.79
N CYS A 223 -10.21 17.93 13.54
CA CYS A 223 -11.39 18.09 12.68
CA CYS A 223 -11.39 18.12 12.70
C CYS A 223 -12.65 17.49 13.31
N LEU A 224 -12.56 16.25 13.77
CA LEU A 224 -13.75 15.57 14.34
C LEU A 224 -14.23 16.25 15.63
N GLN A 225 -13.29 16.71 16.44
CA GLN A 225 -13.62 17.46 17.65
C GLN A 225 -14.26 18.82 17.31
N ALA A 226 -13.77 19.48 16.27
CA ALA A 226 -14.33 20.76 15.83
C ALA A 226 -15.80 20.59 15.38
N ALA A 227 -16.07 19.52 14.64
CA ALA A 227 -17.43 19.21 14.22
C ALA A 227 -18.33 19.02 15.42
N ALA A 228 -17.89 18.19 16.36
CA ALA A 228 -18.62 17.97 17.62
C ALA A 228 -18.91 19.29 18.34
N GLN A 229 -17.89 20.11 18.51
CA GLN A 229 -18.01 21.37 19.23
C GLN A 229 -18.96 22.35 18.54
N LEU A 230 -19.05 22.27 17.21
CA LEU A 230 -19.94 23.13 16.44
C LEU A 230 -21.29 22.46 16.12
N GLY A 231 -21.56 21.29 16.68
CA GLY A 231 -22.88 20.65 16.55
C GLY A 231 -23.12 20.00 15.20
N ARG A 232 -22.06 19.61 14.53
CA ARG A 232 -22.10 19.16 13.14
C ARG A 232 -21.81 17.66 13.08
N SER A 233 -22.47 16.95 12.17
CA SER A 233 -22.22 15.52 11.96
C SER A 233 -20.83 15.31 11.32
N ARG A 234 -20.46 14.05 11.14
CA ARG A 234 -19.23 13.69 10.46
C ARG A 234 -19.42 13.43 8.97
N GLN A 235 -20.53 13.83 8.39
CA GLN A 235 -20.79 13.57 6.97
CA GLN A 235 -20.76 13.56 6.97
C GLN A 235 -19.72 14.27 6.12
N LYS A 236 -19.13 13.53 5.19
CA LYS A 236 -18.10 14.04 4.27
C LYS A 236 -16.84 14.58 4.97
N LEU A 237 -16.56 14.07 6.18
CA LEU A 237 -15.35 14.40 6.95
C LEU A 237 -14.53 13.15 7.19
N LEU A 238 -13.24 13.23 6.93
CA LEU A 238 -12.31 12.15 7.24
C LEU A 238 -11.04 12.76 7.82
N PHE A 240 -7.07 11.87 8.82
CA PHE A 240 -6.00 10.94 8.49
C PHE A 240 -4.91 11.16 9.53
N THR A 241 -4.51 10.10 10.21
CA THR A 241 -3.40 10.22 11.12
C THR A 241 -2.49 9.01 11.11
N SER A 242 -1.42 9.09 11.92
CA SER A 242 -0.30 8.21 11.80
C SER A 242 0.44 8.10 13.10
N LEU A 243 1.13 6.98 13.29
CA LEU A 243 2.07 6.78 14.40
C LEU A 243 3.47 7.34 14.10
N SER A 244 3.72 7.81 12.87
CA SER A 244 5.09 8.14 12.47
C SER A 244 5.75 9.23 13.34
N ARG A 246 4.05 10.79 16.10
CA ARG A 246 3.62 10.62 17.47
C ARG A 246 4.56 9.70 18.26
N SER A 247 4.96 8.59 17.62
CA SER A 247 5.57 7.45 18.30
C SER A 247 6.94 7.05 17.73
N ASN A 248 7.49 7.87 16.85
CA ASN A 248 8.83 7.63 16.29
C ASN A 248 8.95 6.27 15.60
N VAL A 249 7.89 5.89 14.87
CA VAL A 249 7.89 4.67 14.08
C VAL A 249 7.44 4.95 12.66
N PRO A 250 8.10 5.92 11.98
CA PRO A 250 7.75 6.10 10.56
C PRO A 250 7.95 4.83 9.74
N GLY A 251 8.91 4.00 10.12
CA GLY A 251 9.14 2.72 9.44
C GLY A 251 8.07 1.65 9.67
N LEU A 252 7.21 1.84 10.67
CA LEU A 252 6.16 0.85 10.93
C LEU A 252 5.07 0.90 9.86
N ARG A 253 4.88 2.06 9.24
CA ARG A 253 3.88 2.29 8.20
C ARG A 253 2.52 1.97 8.78
N SER A 254 2.08 2.76 9.75
CA SER A 254 0.82 2.53 10.45
C SER A 254 0.12 3.82 10.92
N GLY A 255 -1.16 3.94 10.56
CA GLY A 255 -2.03 4.96 11.07
C GLY A 255 -3.47 4.52 10.96
N PHE A 256 -4.38 5.48 10.91
CA PHE A 256 -5.78 5.20 10.65
C PHE A 256 -6.46 6.38 10.02
N VAL A 257 -7.60 6.11 9.38
CA VAL A 257 -8.51 7.12 8.85
C VAL A 257 -9.82 6.95 9.62
N ALA A 258 -10.48 8.04 9.94
CA ALA A 258 -11.73 7.99 10.72
C ALA A 258 -12.71 9.08 10.30
N GLY A 259 -13.99 8.78 10.39
CA GLY A 259 -15.03 9.72 10.00
C GLY A 259 -16.18 9.03 9.31
N ASP A 260 -16.72 9.69 8.29
CA ASP A 260 -17.96 9.31 7.60
C ASP A 260 -17.98 7.82 7.27
N ALA A 261 -18.86 7.08 7.95
CA ALA A 261 -19.02 5.61 7.74
C ALA A 261 -19.32 5.21 6.30
N GLU A 262 -20.08 6.03 5.58
CA GLU A 262 -20.45 5.72 4.20
C GLU A 262 -19.24 5.84 3.28
N LEU A 263 -18.46 6.89 3.46
CA LEU A 263 -17.18 7.02 2.74
C LEU A 263 -16.25 5.84 3.00
N LEU A 264 -16.16 5.41 4.26
CA LEU A 264 -15.24 4.36 4.61
C LEU A 264 -15.70 3.00 4.10
N LYS A 265 -17.02 2.78 4.03
CA LYS A 265 -17.54 1.55 3.44
C LYS A 265 -17.04 1.38 2.02
N ASN A 266 -17.14 2.46 1.24
CA ASN A 266 -16.70 2.43 -0.16
C ASN A 266 -15.19 2.39 -0.25
N PHE A 267 -14.50 3.11 0.64
CA PHE A 267 -13.06 3.08 0.66
C PHE A 267 -12.52 1.67 0.97
N LEU A 268 -13.16 1.00 1.92
CA LEU A 268 -12.75 -0.37 2.28
C LEU A 268 -12.83 -1.32 1.07
N LEU A 269 -13.90 -1.23 0.28
CA LEU A 269 -14.07 -2.09 -0.89
C LEU A 269 -12.90 -1.89 -1.87
N TYR A 270 -12.60 -0.63 -2.15
CA TYR A 270 -11.48 -0.29 -3.01
C TYR A 270 -10.16 -0.84 -2.45
N ARG A 271 -9.97 -0.74 -1.13
CA ARG A 271 -8.73 -1.12 -0.49
C ARG A 271 -8.53 -2.64 -0.48
N THR A 272 -9.61 -3.41 -0.60
CA THR A 272 -9.47 -4.86 -0.70
C THR A 272 -8.76 -5.23 -2.00
N TYR A 273 -8.96 -4.44 -3.05
CA TYR A 273 -8.24 -4.66 -4.31
C TYR A 273 -6.87 -3.98 -4.33
N HIS A 274 -6.81 -2.78 -3.73
CA HIS A 274 -5.59 -1.93 -3.70
C HIS A 274 -4.48 -2.58 -2.85
N GLY A 275 -4.87 -3.50 -1.96
CA GLY A 275 -3.91 -4.39 -1.28
C GLY A 275 -3.22 -3.77 -0.07
N SER A 276 -4.02 -3.10 0.76
CA SER A 276 -3.50 -2.29 1.87
C SER A 276 -3.95 -2.80 3.26
N ALA A 277 -4.02 -4.12 3.39
CA ALA A 277 -4.31 -4.79 4.65
C ALA A 277 -3.03 -4.82 5.52
N SER A 279 -0.30 -6.17 8.17
CA SER A 279 0.34 -7.28 8.89
C SER A 279 -0.16 -7.40 10.32
N ILE A 280 -0.59 -8.58 10.75
CA ILE A 280 -1.14 -8.70 12.10
C ILE A 280 -0.12 -8.26 13.18
N PRO A 281 1.14 -8.72 13.09
CA PRO A 281 2.13 -8.20 14.06
C PRO A 281 2.27 -6.67 14.08
N VAL A 282 2.12 -6.02 12.92
CA VAL A 282 2.09 -4.55 12.89
C VAL A 282 0.83 -3.98 13.56
N GLN A 283 -0.31 -4.67 13.39
CA GLN A 283 -1.51 -4.31 14.11
C GLN A 283 -1.33 -4.42 15.64
N ARG A 284 -0.66 -5.49 16.07
CA ARG A 284 -0.41 -5.68 17.50
C ARG A 284 0.50 -4.57 18.08
N ALA A 285 1.57 -4.28 17.36
CA ALA A 285 2.49 -3.21 17.75
C ALA A 285 1.75 -1.88 17.79
N SER A 286 0.81 -1.69 16.88
CA SER A 286 0.03 -0.45 16.79
C SER A 286 -0.95 -0.30 17.93
N ILE A 287 -1.63 -1.39 18.30
CA ILE A 287 -2.48 -1.40 19.50
C ILE A 287 -1.66 -0.96 20.73
N ALA A 288 -0.49 -1.56 20.90
CA ALA A 288 0.42 -1.19 21.99
C ALA A 288 0.77 0.29 21.95
N ALA A 289 1.02 0.81 20.75
CA ALA A 289 1.34 2.23 20.56
C ALA A 289 0.20 3.17 20.92
N TRP A 290 -0.98 2.95 20.35
CA TRP A 290 -2.14 3.79 20.63
C TRP A 290 -2.58 3.71 22.09
N ASP A 291 -2.41 2.54 22.72
CA ASP A 291 -2.78 2.33 24.12
C ASP A 291 -1.86 3.03 25.11
N ASP A 292 -0.61 3.28 24.75
CA ASP A 292 0.37 3.85 25.67
C ASP A 292 0.57 5.35 25.43
N GLU A 293 0.56 6.13 26.51
CA GLU A 293 0.87 7.55 26.41
C GLU A 293 2.22 7.93 27.00
N GLN A 294 2.85 7.07 27.80
CA GLN A 294 4.10 7.47 28.45
C GLN A 294 5.15 7.82 27.41
N HIS A 295 5.28 6.97 26.39
CA HIS A 295 6.29 7.23 25.36
C HIS A 295 5.98 8.51 24.59
N VAL A 296 4.69 8.87 24.51
CA VAL A 296 4.27 10.07 23.77
C VAL A 296 4.59 11.32 24.61
N ILE A 297 4.31 11.24 25.91
CA ILE A 297 4.66 12.30 26.85
C ILE A 297 6.18 12.55 26.83
N ASP A 298 6.98 11.49 26.87
CA ASP A 298 8.44 11.62 26.79
C ASP A 298 8.89 12.29 25.48
N ASN A 299 8.31 11.85 24.37
CA ASN A 299 8.64 12.39 23.05
C ASN A 299 8.34 13.89 23.01
N ARG A 300 7.13 14.24 23.45
CA ARG A 300 6.68 15.62 23.46
CA ARG A 300 6.68 15.62 23.44
C ARG A 300 7.60 16.47 24.35
N ARG A 301 8.03 15.92 25.46
CA ARG A 301 8.94 16.64 26.37
C ARG A 301 10.30 16.95 25.68
N LEU A 302 10.82 16.04 24.85
CA LEU A 302 12.06 16.31 24.09
C LEU A 302 11.89 17.53 23.20
N TYR A 303 10.76 17.61 22.49
CA TYR A 303 10.55 18.75 21.58
C TYR A 303 10.32 20.06 22.33
N GLN A 304 9.53 20.01 23.40
CA GLN A 304 9.32 21.15 24.30
C GLN A 304 10.65 21.78 24.75
N GLU A 305 11.58 20.93 25.19
CA GLU A 305 12.88 21.41 25.69
C GLU A 305 13.60 22.16 24.56
N LYS A 306 13.61 21.58 23.37
CA LYS A 306 14.27 22.22 22.24
C LYS A 306 13.71 23.62 21.95
N PHE A 307 12.38 23.71 21.83
CA PHE A 307 11.72 24.97 21.50
C PHE A 307 11.89 26.01 22.61
N GLU A 308 11.80 25.56 23.86
CA GLU A 308 11.96 26.43 25.02
C GLU A 308 13.29 27.18 24.98
N ARG A 309 14.34 26.53 24.48
CA ARG A 309 15.67 27.11 24.43
C ARG A 309 15.94 27.84 23.12
N VAL A 310 15.46 27.28 22.00
CA VAL A 310 15.72 27.85 20.68
C VAL A 310 14.96 29.16 20.39
N ILE A 311 13.67 29.21 20.74
CA ILE A 311 12.86 30.37 20.38
C ILE A 311 13.44 31.66 20.97
N PRO A 312 13.75 31.70 22.28
CA PRO A 312 14.33 32.94 22.82
C PRO A 312 15.69 33.29 22.22
N ILE A 313 16.47 32.31 21.79
CA ILE A 313 17.76 32.60 21.13
C ILE A 313 17.48 33.31 19.81
N LEU A 314 16.60 32.72 18.99
CA LEU A 314 16.30 33.30 17.68
C LEU A 314 15.65 34.69 17.80
N GLN A 315 14.86 34.88 18.85
CA GLN A 315 14.16 36.16 19.04
C GLN A 315 15.10 37.35 19.28
N GLN A 316 16.40 37.09 19.50
CA GLN A 316 17.38 38.14 19.59
C GLN A 316 17.50 38.93 18.30
N VAL A 317 17.23 38.28 17.16
CA VAL A 317 17.44 38.88 15.85
C VAL A 317 16.19 38.79 14.95
N PHE A 318 15.41 37.72 15.10
CA PHE A 318 14.30 37.44 14.20
C PHE A 318 12.93 37.71 14.81
N ASP A 319 11.97 37.95 13.94
CA ASP A 319 10.58 38.12 14.32
C ASP A 319 9.97 36.72 14.28
N VAL A 320 9.91 36.08 15.45
CA VAL A 320 9.54 34.66 15.52
C VAL A 320 8.92 34.38 16.88
N LYS A 321 8.02 33.40 16.90
CA LYS A 321 7.37 32.97 18.14
C LYS A 321 7.16 31.46 18.11
N LEU A 322 6.85 30.88 19.26
CA LEU A 322 6.52 29.47 19.35
C LEU A 322 5.38 29.15 18.38
N PRO A 323 5.51 28.10 17.55
CA PRO A 323 4.37 27.75 16.70
C PRO A 323 3.21 27.15 17.50
N ASP A 324 2.05 26.98 16.87
CA ASP A 324 0.88 26.39 17.58
C ASP A 324 1.22 24.96 17.98
N ALA A 325 1.88 24.25 17.07
CA ALA A 325 2.27 22.85 17.26
C ALA A 325 3.25 22.42 16.16
N SER A 326 3.57 21.13 16.10
CA SER A 326 4.57 20.56 15.18
C SER A 326 6.00 20.82 15.68
N PHE A 327 6.97 20.19 15.01
CA PHE A 327 8.38 20.40 15.30
C PHE A 327 9.09 21.33 14.32
N TYR A 328 8.32 22.18 13.62
CA TYR A 328 8.90 23.15 12.69
C TYR A 328 8.87 24.56 13.25
N ILE A 329 9.91 25.32 12.90
CA ILE A 329 9.89 26.76 13.01
C ILE A 329 9.85 27.28 11.55
N TRP A 330 8.82 28.06 11.23
CA TRP A 330 8.67 28.70 9.93
C TRP A 330 9.23 30.10 10.07
N LEU A 331 10.53 30.23 9.82
CA LEU A 331 11.27 31.43 10.17
C LEU A 331 11.22 32.50 9.08
N LYS A 332 10.70 33.67 9.44
CA LYS A 332 10.68 34.82 8.55
C LYS A 332 12.10 35.35 8.34
N VAL A 333 12.51 35.38 7.07
CA VAL A 333 13.83 35.85 6.67
C VAL A 333 13.81 37.39 6.60
N PRO A 334 14.68 38.05 7.39
CA PRO A 334 14.68 39.51 7.46
C PRO A 334 14.62 40.26 6.11
N ASP A 335 15.47 39.90 5.14
CA ASP A 335 15.48 40.60 3.85
C ASP A 335 14.61 39.95 2.80
N GLY A 336 13.85 38.92 3.18
CA GLY A 336 12.92 38.26 2.28
C GLY A 336 13.51 37.20 1.34
N ASP A 337 14.84 37.04 1.31
CA ASP A 337 15.48 36.14 0.35
C ASP A 337 15.83 34.81 1.04
N ASP A 338 14.90 33.87 1.00
CA ASP A 338 15.06 32.59 1.66
C ASP A 338 16.14 31.71 1.00
N LEU A 339 16.35 31.89 -0.29
CA LEU A 339 17.39 31.17 -1.02
C LEU A 339 18.78 31.62 -0.54
N ALA A 340 18.98 32.93 -0.48
CA ALA A 340 20.25 33.50 -0.04
C ALA A 340 20.50 33.17 1.44
N PHE A 341 19.44 33.11 2.24
CA PHE A 341 19.52 32.70 3.66
C PHE A 341 20.06 31.27 3.82
N ALA A 342 19.44 30.33 3.10
CA ALA A 342 19.88 28.93 3.16
C ALA A 342 21.31 28.78 2.65
N ARG A 343 21.64 29.50 1.57
CA ARG A 343 22.98 29.45 1.01
C ARG A 343 24.03 29.97 1.99
N ASN A 344 23.71 31.05 2.70
CA ASN A 344 24.65 31.62 3.69
C ASN A 344 24.87 30.70 4.90
N LEU A 345 23.80 30.09 5.39
CA LEU A 345 23.90 29.18 6.53
C LEU A 345 24.72 27.95 6.20
N TRP A 346 24.60 27.47 4.95
CA TRP A 346 25.36 26.32 4.49
C TRP A 346 26.82 26.66 4.31
N GLN A 347 27.11 27.75 3.61
CA GLN A 347 28.48 28.15 3.32
C GLN A 347 29.24 28.52 4.59
N LYS A 348 28.56 29.18 5.54
CA LYS A 348 29.26 29.68 6.75
C LYS A 348 29.25 28.71 7.92
N ALA A 349 28.24 27.84 8.02
CA ALA A 349 28.05 27.02 9.25
C ALA A 349 27.67 25.57 9.00
N ALA A 350 27.61 25.15 7.74
CA ALA A 350 27.16 23.82 7.36
C ALA A 350 25.75 23.55 7.83
N ILE A 351 24.95 24.59 8.05
CA ILE A 351 23.58 24.39 8.54
C ILE A 351 22.63 24.30 7.35
N GLN A 352 21.81 23.25 7.33
CA GLN A 352 20.84 22.99 6.27
C GLN A 352 19.40 23.37 6.72
N VAL A 353 18.86 24.41 6.11
CA VAL A 353 17.44 24.76 6.27
C VAL A 353 16.77 24.75 4.90
N LEU A 354 15.45 24.67 4.86
CA LEU A 354 14.71 24.52 3.60
C LEU A 354 14.10 25.85 3.12
N PRO A 355 14.56 26.39 1.96
CA PRO A 355 13.91 27.57 1.41
C PRO A 355 12.40 27.34 1.25
N GLY A 356 11.61 28.25 1.81
CA GLY A 356 10.16 28.08 1.83
C GLY A 356 9.54 27.98 0.45
N ARG A 357 10.15 28.63 -0.52
CA ARG A 357 9.65 28.59 -1.91
C ARG A 357 9.58 27.15 -2.44
N PHE A 358 10.39 26.26 -1.87
CA PHE A 358 10.38 24.87 -2.30
C PHE A 358 9.17 24.07 -1.85
N LEU A 359 8.39 24.62 -0.90
CA LEU A 359 7.18 23.96 -0.37
C LEU A 359 5.89 24.57 -0.91
N ALA A 360 6.02 25.49 -1.87
CA ALA A 360 4.89 26.26 -2.35
C ALA A 360 4.88 26.41 -3.87
N ARG A 361 3.68 26.67 -4.39
CA ARG A 361 3.51 27.12 -5.75
C ARG A 361 3.16 28.60 -5.84
N ASP A 362 3.65 29.22 -6.91
CA ASP A 362 3.29 30.62 -7.23
CA ASP A 362 3.30 30.59 -7.36
C ASP A 362 1.81 30.79 -7.64
N THR A 363 1.21 31.90 -7.17
CA THR A 363 -0.20 32.19 -7.46
C THR A 363 -0.39 33.65 -7.87
N GLU A 364 -1.62 34.01 -8.23
CA GLU A 364 -1.97 35.41 -8.49
C GLU A 364 -1.65 36.31 -7.29
N GLN A 365 -1.45 35.72 -6.10
CA GLN A 365 -1.03 36.51 -4.92
C GLN A 365 0.42 36.23 -4.47
N GLY A 366 1.27 35.79 -5.40
CA GLY A 366 2.68 35.47 -5.10
C GLY A 366 2.87 34.09 -4.49
N ASN A 367 4.15 33.69 -4.32
CA ASN A 367 4.54 32.40 -3.71
C ASN A 367 4.60 32.59 -2.20
N PRO A 368 3.66 31.97 -1.45
CA PRO A 368 3.58 32.21 -0.02
C PRO A 368 4.66 31.46 0.81
N GLY A 369 5.52 30.69 0.13
CA GLY A 369 6.74 30.14 0.73
C GLY A 369 7.93 31.08 0.69
N GLU A 370 7.94 32.02 -0.26
CA GLU A 370 9.06 32.96 -0.36
C GLU A 370 9.18 33.81 0.89
N GLY A 371 10.40 34.05 1.33
CA GLY A 371 10.63 34.91 2.50
C GLY A 371 10.63 34.17 3.82
N TYR A 372 10.51 32.84 3.76
CA TYR A 372 10.55 31.96 4.94
C TYR A 372 11.47 30.79 4.68
N VAL A 373 12.06 30.25 5.76
CA VAL A 373 12.71 28.95 5.70
C VAL A 373 12.07 28.03 6.73
N ARG A 374 11.93 26.76 6.36
CA ARG A 374 11.50 25.77 7.31
C ARG A 374 12.72 25.18 8.06
N ILE A 375 12.65 25.22 9.39
CA ILE A 375 13.64 24.61 10.27
C ILE A 375 12.94 23.53 11.09
N ALA A 376 13.45 22.30 11.05
CA ALA A 376 12.92 21.18 11.82
C ALA A 376 13.81 20.97 13.03
N LEU A 377 13.23 20.93 14.23
CA LEU A 377 13.97 20.68 15.46
C LEU A 377 13.93 19.19 15.82
N VAL A 378 14.55 18.39 14.96
CA VAL A 378 14.56 16.93 15.13
C VAL A 378 15.88 16.38 15.69
N ALA A 379 16.98 17.08 15.42
CA ALA A 379 18.26 16.78 16.03
C ALA A 379 18.20 17.02 17.55
N ASP A 380 19.23 16.61 18.28
CA ASP A 380 19.19 16.77 19.73
C ASP A 380 19.30 18.22 20.15
N VAL A 381 18.89 18.48 21.39
CA VAL A 381 18.81 19.83 21.93
C VAL A 381 20.12 20.59 21.83
N ALA A 382 21.24 19.94 22.17
CA ALA A 382 22.55 20.59 22.12
C ALA A 382 22.84 21.07 20.69
N THR A 383 22.55 20.21 19.71
CA THR A 383 22.75 20.56 18.29
C THR A 383 21.84 21.72 17.85
N CYS A 384 20.57 21.66 18.27
CA CYS A 384 19.60 22.71 17.91
C CYS A 384 19.98 24.08 18.48
N VAL A 385 20.36 24.09 19.75
CA VAL A 385 20.73 25.31 20.46
C VAL A 385 21.96 25.94 19.81
N LYS A 386 22.97 25.11 19.54
CA LYS A 386 24.17 25.61 18.85
C LYS A 386 23.83 26.15 17.46
N ALA A 387 22.97 25.45 16.73
CA ALA A 387 22.52 25.94 15.43
C ALA A 387 21.85 27.32 15.56
N ALA A 388 20.98 27.48 16.56
CA ALA A 388 20.26 28.74 16.75
C ALA A 388 21.24 29.88 17.04
N GLU A 389 22.20 29.61 17.90
CA GLU A 389 23.25 30.56 18.24
C GLU A 389 24.08 30.95 17.01
N ASP A 390 24.45 29.97 16.20
CA ASP A 390 25.24 30.22 15.00
C ASP A 390 24.45 31.02 13.98
N ILE A 391 23.16 30.70 13.80
CA ILE A 391 22.32 31.46 12.88
C ILE A 391 22.25 32.94 13.31
N VAL A 392 21.98 33.18 14.59
CA VAL A 392 21.86 34.53 15.14
C VAL A 392 23.13 35.35 14.91
N SER A 393 24.30 34.77 15.14
CA SER A 393 25.53 35.55 15.00
C SER A 393 25.81 35.93 13.54
N LEU A 394 25.31 35.16 12.58
CA LEU A 394 25.42 35.51 11.16
C LEU A 394 24.45 36.63 10.74
N TYR A 395 23.41 36.85 11.53
CA TYR A 395 22.38 37.87 11.21
C TYR A 395 22.31 39.00 12.25
N ARG A 396 23.34 39.12 13.08
CA ARG A 396 23.45 40.22 14.04
C ARG A 396 23.45 41.56 13.33
N ASN B 3 -18.42 6.08 -7.11
CA ASN B 3 -18.92 4.72 -7.02
C ASN B 3 -19.31 4.15 -8.37
N THR B 4 -19.03 4.90 -9.44
CA THR B 4 -19.36 4.46 -10.78
C THR B 4 -18.63 3.15 -11.12
N LEU B 5 -17.31 3.12 -10.95
CA LEU B 5 -16.51 1.92 -11.24
C LEU B 5 -16.63 0.88 -10.12
N LEU B 6 -16.70 1.36 -8.87
CA LEU B 6 -16.85 0.48 -7.71
CA LEU B 6 -16.86 0.50 -7.70
C LEU B 6 -18.12 -0.36 -7.83
N LYS B 7 -19.16 0.20 -8.45
CA LYS B 7 -20.42 -0.51 -8.66
C LYS B 7 -20.30 -1.71 -9.61
N GLN B 8 -19.29 -1.73 -10.47
CA GLN B 8 -19.10 -2.85 -11.41
C GLN B 8 -18.36 -4.06 -10.81
N LEU B 9 -17.77 -3.89 -9.62
CA LEU B 9 -17.03 -4.97 -8.97
C LEU B 9 -17.97 -6.08 -8.61
N LYS B 10 -17.53 -7.31 -8.80
CA LYS B 10 -18.37 -8.47 -8.54
C LYS B 10 -18.01 -9.13 -7.20
N PRO B 11 -18.95 -9.87 -6.60
CA PRO B 11 -18.64 -10.45 -5.29
C PRO B 11 -17.44 -11.39 -5.33
N TYR B 12 -16.68 -11.47 -4.23
CA TYR B 12 -15.52 -12.34 -4.19
C TYR B 12 -15.98 -13.81 -4.17
N PRO B 13 -15.12 -14.73 -4.61
CA PRO B 13 -15.52 -16.14 -4.64
C PRO B 13 -16.02 -16.68 -3.30
N PHE B 14 -15.30 -16.35 -2.22
CA PHE B 14 -15.65 -16.74 -0.86
CA PHE B 14 -15.69 -16.80 -0.90
C PHE B 14 -17.05 -16.30 -0.47
N ALA B 15 -17.40 -15.07 -0.86
CA ALA B 15 -18.72 -14.53 -0.58
C ALA B 15 -19.79 -15.28 -1.36
N ARG B 16 -19.51 -15.61 -2.63
CA ARG B 16 -20.44 -16.38 -3.43
C ARG B 16 -20.67 -17.78 -2.81
N LEU B 17 -19.61 -18.38 -2.28
CA LEU B 17 -19.72 -19.68 -1.66
C LEU B 17 -20.53 -19.61 -0.36
N HIS B 18 -20.25 -18.61 0.48
CA HIS B 18 -21.01 -18.43 1.70
C HIS B 18 -22.54 -18.30 1.42
N GLU B 19 -22.90 -17.49 0.43
CA GLU B 19 -24.29 -17.28 0.06
CA GLU B 19 -24.30 -17.29 0.10
C GLU B 19 -24.90 -18.60 -0.43
N ALA B 20 -24.15 -19.32 -1.26
CA ALA B 20 -24.59 -20.58 -1.85
C ALA B 20 -24.87 -21.63 -0.79
N GLN B 22 -25.93 -20.95 2.40
CA GLN B 22 -26.93 -20.54 3.37
C GLN B 22 -28.15 -21.47 3.33
N GLY B 23 -28.60 -21.90 4.50
CA GLY B 23 -29.73 -22.83 4.61
C GLY B 23 -29.36 -24.30 4.46
N ILE B 24 -28.10 -24.58 4.19
CA ILE B 24 -27.59 -25.94 4.15
C ILE B 24 -26.73 -26.14 5.40
N SER B 25 -27.10 -27.13 6.19
CA SER B 25 -26.48 -27.37 7.50
C SER B 25 -25.53 -28.56 7.43
N ALA B 26 -24.31 -28.38 7.92
CA ALA B 26 -23.38 -29.50 8.08
C ALA B 26 -23.81 -30.36 9.26
N PRO B 27 -23.24 -31.57 9.41
CA PRO B 27 -23.69 -32.40 10.53
C PRO B 27 -23.41 -31.75 11.89
N GLU B 28 -24.36 -31.93 12.81
CA GLU B 28 -24.32 -31.30 14.12
C GLU B 28 -23.03 -31.69 14.83
N GLY B 29 -22.32 -30.70 15.36
CA GLY B 29 -21.08 -30.94 16.09
C GLY B 29 -19.85 -31.22 15.25
N GLU B 31 -16.74 -30.40 12.89
CA GLU B 31 -15.82 -29.32 12.57
C GLU B 31 -15.70 -29.15 11.05
N ALA B 32 -15.82 -27.91 10.57
CA ALA B 32 -15.69 -27.61 9.14
C ALA B 32 -14.27 -27.92 8.67
N VAL B 33 -14.14 -28.44 7.45
CA VAL B 33 -12.83 -28.74 6.87
C VAL B 33 -12.63 -27.73 5.72
N PRO B 34 -11.81 -26.70 5.95
CA PRO B 34 -11.74 -25.61 4.98
C PRO B 34 -10.80 -25.84 3.78
N LEU B 35 -11.22 -26.64 2.81
CA LEU B 35 -10.38 -26.88 1.63
C LEU B 35 -10.57 -25.84 0.51
N HIS B 36 -11.43 -24.86 0.73
CA HIS B 36 -11.82 -23.87 -0.28
C HIS B 36 -10.92 -22.65 -0.35
N ILE B 37 -10.02 -22.54 0.62
CA ILE B 37 -9.20 -21.35 0.84
CA ILE B 37 -9.24 -21.33 0.84
C ILE B 37 -7.99 -21.35 -0.09
N GLY B 38 -7.40 -20.20 -0.27
CA GLY B 38 -6.25 -20.07 -1.15
C GLY B 38 -5.10 -19.43 -0.42
N GLU B 39 -4.88 -19.87 0.81
CA GLU B 39 -3.78 -19.37 1.60
C GLU B 39 -3.12 -20.46 2.44
N PRO B 40 -1.81 -20.30 2.72
CA PRO B 40 -1.06 -21.33 3.43
C PRO B 40 -1.43 -21.41 4.92
N LYS B 41 -1.15 -22.56 5.52
CA LYS B 41 -1.40 -22.77 6.95
C LYS B 41 -0.12 -23.20 7.67
N HIS B 42 0.98 -23.38 6.96
CA HIS B 42 2.22 -23.80 7.59
C HIS B 42 2.82 -22.63 8.39
N PRO B 43 3.58 -22.94 9.44
CA PRO B 43 4.09 -21.90 10.33
C PRO B 43 5.27 -21.11 9.77
N THR B 44 5.41 -19.88 10.28
CA THR B 44 6.48 -19.00 9.84
C THR B 44 7.84 -19.50 10.35
N PRO B 45 8.87 -19.54 9.48
CA PRO B 45 10.19 -20.00 9.91
C PRO B 45 10.95 -18.99 10.77
N LYS B 46 11.72 -19.54 11.70
CA LYS B 46 12.44 -18.78 12.69
C LYS B 46 13.51 -17.90 12.05
N VAL B 47 14.10 -18.34 10.93
CA VAL B 47 15.12 -17.53 10.27
C VAL B 47 14.55 -16.13 9.91
N ILE B 48 13.29 -16.09 9.51
CA ILE B 48 12.65 -14.82 9.14
C ILE B 48 12.33 -13.94 10.36
N THR B 49 11.69 -14.53 11.38
CA THR B 49 11.33 -13.80 12.59
C THR B 49 12.54 -13.32 13.40
N ASP B 50 13.62 -14.11 13.47
CA ASP B 50 14.88 -13.67 14.11
C ASP B 50 15.41 -12.39 13.46
N ALA B 51 15.40 -12.35 12.13
CA ALA B 51 15.93 -11.21 11.37
C ALA B 51 15.06 -9.96 11.57
N LEU B 52 13.76 -10.15 11.64
CA LEU B 52 12.82 -9.03 11.88
C LEU B 52 13.09 -8.44 13.28
N THR B 53 13.03 -9.28 14.30
CA THR B 53 13.29 -8.84 15.68
C THR B 53 14.61 -8.11 15.86
N ALA B 54 15.68 -8.65 15.26
CA ALA B 54 17.01 -8.09 15.44
C ALA B 54 17.15 -6.67 14.85
N SER B 55 16.26 -6.29 13.93
CA SER B 55 16.36 -4.99 13.23
C SER B 55 15.32 -3.94 13.63
N LEU B 56 14.53 -4.21 14.68
CA LEU B 56 13.38 -3.38 14.99
C LEU B 56 13.72 -1.93 15.35
N HIS B 57 14.94 -1.68 15.81
CA HIS B 57 15.39 -0.31 16.03
C HIS B 57 15.25 0.55 14.77
N GLU B 58 15.32 -0.08 13.60
CA GLU B 58 15.23 0.62 12.31
C GLU B 58 13.80 1.09 11.94
N LEU B 59 12.82 0.83 12.82
CA LEU B 59 11.49 1.46 12.70
C LEU B 59 11.55 3.00 12.81
N GLU B 60 12.64 3.54 13.36
CA GLU B 60 12.76 4.99 13.51
C GLU B 60 13.01 5.75 12.21
N LYS B 61 13.31 5.02 11.12
CA LYS B 61 13.64 5.63 9.83
CA LYS B 61 13.67 5.58 9.80
C LYS B 61 12.57 5.39 8.75
N TYR B 62 12.33 6.42 7.94
CA TYR B 62 11.49 6.26 6.74
C TYR B 62 12.30 5.46 5.71
N PRO B 63 11.72 4.42 5.13
CA PRO B 63 12.38 3.68 4.06
C PRO B 63 12.18 4.35 2.70
N LEU B 64 13.16 4.22 1.81
CA LEU B 64 13.00 4.70 0.45
C LEU B 64 12.17 3.69 -0.33
N THR B 65 11.40 4.18 -1.29
CA THR B 65 10.49 3.33 -2.08
C THR B 65 11.22 2.21 -2.87
N ALA B 66 12.41 2.49 -3.35
CA ALA B 66 13.21 1.52 -4.11
C ALA B 66 13.77 0.41 -3.22
N GLY B 67 13.79 0.63 -1.91
CA GLY B 67 14.31 -0.38 -0.99
C GLY B 67 15.83 -0.36 -0.85
N LEU B 68 16.34 -1.03 0.19
CA LEU B 68 17.78 -1.13 0.40
C LEU B 68 18.47 -1.85 -0.74
N PRO B 69 19.70 -1.40 -1.10
CA PRO B 69 20.47 -2.14 -2.10
C PRO B 69 20.58 -3.61 -1.77
N GLU B 70 20.77 -3.93 -0.49
CA GLU B 70 20.95 -5.33 -0.10
C GLU B 70 19.68 -6.18 -0.24
N LEU B 71 18.50 -5.57 -0.17
CA LEU B 71 17.26 -6.31 -0.47
C LEU B 71 17.16 -6.59 -1.96
N ARG B 72 17.37 -5.57 -2.80
CA ARG B 72 17.34 -5.80 -4.24
C ARG B 72 18.38 -6.83 -4.68
N GLN B 73 19.55 -6.78 -4.05
CA GLN B 73 20.59 -7.76 -4.36
C GLN B 73 20.23 -9.17 -3.88
N ALA B 74 19.59 -9.32 -2.73
CA ALA B 74 19.14 -10.65 -2.30
C ALA B 74 18.13 -11.26 -3.30
N CYS B 75 17.28 -10.42 -3.86
CA CYS B 75 16.34 -10.86 -4.89
C CYS B 75 17.08 -11.26 -6.18
N ALA B 76 18.05 -10.45 -6.60
CA ALA B 76 18.86 -10.76 -7.79
C ALA B 76 19.62 -12.09 -7.60
N ASN B 77 20.21 -12.28 -6.42
CA ASN B 77 20.94 -13.52 -6.07
C ASN B 77 20.00 -14.72 -6.09
N TRP B 78 18.81 -14.57 -5.50
CA TRP B 78 17.81 -15.65 -5.50
C TRP B 78 17.42 -15.99 -6.95
N LEU B 79 17.20 -14.98 -7.79
CA LEU B 79 16.84 -15.24 -9.18
C LEU B 79 17.90 -16.06 -9.93
N LYS B 80 19.17 -15.74 -9.70
CA LYS B 80 20.28 -16.45 -10.31
C LYS B 80 20.31 -17.94 -9.88
N ARG B 81 20.12 -18.19 -8.59
CA ARG B 81 20.10 -19.54 -8.07
C ARG B 81 18.89 -20.31 -8.60
N ARG B 82 17.74 -19.66 -8.65
CA ARG B 82 16.48 -20.33 -8.95
C ARG B 82 16.31 -20.64 -10.44
N TYR B 83 16.80 -19.75 -11.30
CA TYR B 83 16.57 -19.84 -12.74
C TYR B 83 17.86 -20.05 -13.53
N ASP B 84 18.71 -20.95 -13.00
CA ASP B 84 19.86 -21.50 -13.71
C ASP B 84 20.79 -20.43 -14.29
N GLY B 85 21.12 -19.42 -13.48
CA GLY B 85 22.10 -18.43 -13.86
C GLY B 85 21.55 -17.11 -14.36
N LEU B 86 20.21 -17.01 -14.45
CA LEU B 86 19.52 -15.78 -14.82
C LEU B 86 20.10 -14.56 -14.10
N THR B 87 20.48 -13.56 -14.90
CA THR B 87 21.12 -12.35 -14.42
C THR B 87 20.16 -11.17 -14.55
N VAL B 88 19.77 -10.64 -13.40
CA VAL B 88 18.83 -9.53 -13.29
C VAL B 88 19.52 -8.48 -12.42
N ASP B 89 19.58 -7.25 -12.90
CA ASP B 89 20.37 -6.17 -12.31
C ASP B 89 19.61 -5.56 -11.12
N ALA B 90 20.16 -5.73 -9.92
CA ALA B 90 19.54 -5.20 -8.69
C ALA B 90 19.37 -3.70 -8.73
N ASP B 91 20.22 -3.00 -9.49
CA ASP B 91 20.19 -1.55 -9.57
C ASP B 91 19.09 -1.01 -10.46
N ASN B 92 18.50 -1.82 -11.35
CA ASN B 92 17.61 -1.30 -12.40
CA ASN B 92 17.49 -1.25 -12.26
C ASN B 92 16.39 -2.17 -12.75
N GLU B 93 16.44 -3.47 -12.43
CA GLU B 93 15.43 -4.42 -12.91
C GLU B 93 14.60 -5.05 -11.80
N ILE B 94 14.72 -4.55 -10.56
CA ILE B 94 13.99 -5.14 -9.40
C ILE B 94 13.44 -4.05 -8.50
N LEU B 95 12.15 -4.13 -8.17
CA LEU B 95 11.61 -3.36 -7.05
C LEU B 95 10.95 -4.25 -6.01
N PRO B 96 11.25 -4.01 -4.73
CA PRO B 96 10.49 -4.64 -3.66
C PRO B 96 9.05 -4.12 -3.65
N VAL B 97 8.11 -5.02 -3.34
CA VAL B 97 6.69 -4.67 -3.25
C VAL B 97 6.09 -5.19 -1.96
N LEU B 98 4.97 -4.60 -1.53
CA LEU B 98 4.41 -4.90 -0.20
C LEU B 98 3.37 -6.00 -0.36
N GLY B 99 3.84 -7.16 -0.83
CA GLY B 99 2.96 -8.18 -1.36
C GLY B 99 2.64 -7.93 -2.83
N SER B 100 2.44 -9.00 -3.58
CA SER B 100 2.15 -8.85 -5.00
C SER B 100 0.78 -8.19 -5.24
N ARG B 101 -0.17 -8.31 -4.30
CA ARG B 101 -1.51 -7.74 -4.54
C ARG B 101 -1.43 -6.22 -4.86
N GLU B 102 -0.80 -5.45 -3.96
CA GLU B 102 -0.73 -4.00 -4.17
C GLU B 102 0.05 -3.69 -5.45
N ALA B 103 1.06 -4.50 -5.76
CA ALA B 103 1.92 -4.30 -6.95
C ALA B 103 1.14 -4.54 -8.23
N LEU B 104 0.39 -5.62 -8.29
CA LEU B 104 -0.44 -5.90 -9.46
C LEU B 104 -1.49 -4.79 -9.66
N PHE B 105 -2.19 -4.41 -8.60
CA PHE B 105 -3.22 -3.39 -8.69
C PHE B 105 -2.65 -2.07 -9.15
N SER B 106 -1.60 -1.60 -8.49
CA SER B 106 -1.03 -0.28 -8.80
C SER B 106 -0.41 -0.26 -10.22
N PHE B 107 0.28 -1.33 -10.60
CA PHE B 107 0.85 -1.36 -11.97
C PHE B 107 -0.26 -1.23 -13.01
N VAL B 108 -1.35 -1.98 -12.83
CA VAL B 108 -2.48 -1.86 -13.74
C VAL B 108 -3.02 -0.42 -13.83
N GLN B 109 -3.14 0.25 -12.68
CA GLN B 109 -3.61 1.65 -12.66
C GLN B 109 -2.72 2.51 -13.55
N THR B 110 -1.41 2.27 -13.54
CA THR B 110 -0.51 3.09 -14.37
C THR B 110 -0.60 2.76 -15.86
N VAL B 111 -0.98 1.53 -16.19
CA VAL B 111 -1.05 1.05 -17.58
C VAL B 111 -2.34 1.56 -18.24
N LEU B 112 -3.43 1.65 -17.48
CA LEU B 112 -4.73 2.03 -18.04
C LEU B 112 -4.96 3.51 -17.85
N ASN B 113 -5.11 4.22 -18.96
CA ASN B 113 -5.31 5.68 -18.95
C ASN B 113 -6.31 6.08 -20.01
N PRO B 114 -7.58 5.68 -19.83
CA PRO B 114 -8.63 5.97 -20.81
C PRO B 114 -8.90 7.48 -20.88
N VAL B 115 -9.47 7.95 -21.99
CA VAL B 115 -9.64 9.40 -22.26
C VAL B 115 -11.04 9.73 -22.76
N GLY B 118 -12.07 8.49 -26.79
CA GLY B 118 -11.02 7.52 -26.57
C GLY B 118 -11.50 6.08 -26.73
N ILE B 119 -10.62 5.23 -27.29
CA ILE B 119 -10.85 3.79 -27.36
C ILE B 119 -10.73 3.23 -25.95
N LYS B 120 -11.69 2.42 -25.52
CA LYS B 120 -11.61 1.83 -24.16
C LYS B 120 -10.55 0.72 -24.10
N PRO B 121 -9.55 0.86 -23.20
CA PRO B 121 -8.44 -0.09 -23.18
C PRO B 121 -8.84 -1.42 -22.58
N ALA B 122 -8.29 -2.51 -23.12
CA ALA B 122 -8.55 -3.86 -22.64
C ALA B 122 -7.36 -4.46 -21.91
N ILE B 123 -7.69 -5.36 -21.00
CA ILE B 123 -6.73 -6.27 -20.36
C ILE B 123 -7.25 -7.70 -20.53
N VAL B 124 -6.33 -8.64 -20.80
CA VAL B 124 -6.70 -10.05 -20.98
C VAL B 124 -6.19 -10.84 -19.79
N SER B 125 -7.11 -11.62 -19.21
CA SER B 125 -6.83 -12.47 -18.06
C SER B 125 -7.08 -13.91 -18.43
N PRO B 126 -6.37 -14.86 -17.79
CA PRO B 126 -6.85 -16.22 -17.90
C PRO B 126 -8.23 -16.38 -17.27
N ASN B 127 -8.92 -17.45 -17.67
CA ASN B 127 -10.25 -17.76 -17.13
C ASN B 127 -10.27 -19.29 -16.98
N PRO B 128 -10.34 -19.80 -15.75
CA PRO B 128 -10.48 -19.17 -14.43
C PRO B 128 -9.39 -18.17 -14.10
N PHE B 129 -9.76 -17.18 -13.30
CA PHE B 129 -8.91 -16.01 -13.05
C PHE B 129 -8.67 -15.86 -11.55
N TYR B 130 -7.78 -14.93 -11.22
CA TYR B 130 -7.58 -14.46 -9.86
C TYR B 130 -8.30 -13.13 -9.77
N GLN B 131 -9.16 -12.98 -8.77
CA GLN B 131 -10.09 -11.85 -8.68
C GLN B 131 -9.41 -10.48 -8.85
N ILE B 132 -8.21 -10.32 -8.31
CA ILE B 132 -7.47 -9.07 -8.44
C ILE B 132 -7.31 -8.59 -9.93
N TYR B 133 -7.14 -9.52 -10.87
CA TYR B 133 -6.89 -9.16 -12.27
C TYR B 133 -8.11 -8.42 -12.80
N GLU B 134 -9.30 -8.92 -12.48
CA GLU B 134 -10.54 -8.30 -12.88
C GLU B 134 -10.77 -6.96 -12.20
N GLY B 135 -10.66 -6.94 -10.88
CA GLY B 135 -10.94 -5.73 -10.12
C GLY B 135 -10.01 -4.58 -10.40
N ALA B 136 -8.73 -4.89 -10.55
CA ALA B 136 -7.73 -3.89 -10.89
C ALA B 136 -8.08 -3.28 -12.25
N THR B 137 -8.53 -4.12 -13.18
CA THR B 137 -8.88 -3.66 -14.54
C THR B 137 -10.11 -2.75 -14.51
N LEU B 138 -11.14 -3.18 -13.79
CA LEU B 138 -12.39 -2.42 -13.70
C LEU B 138 -12.17 -1.06 -13.06
N LEU B 139 -11.40 -1.04 -11.97
CA LEU B 139 -11.17 0.20 -11.23
C LEU B 139 -10.19 1.12 -11.93
N GLY B 140 -9.36 0.59 -12.82
CA GLY B 140 -8.49 1.40 -13.65
C GLY B 140 -9.14 1.96 -14.91
N GLY B 141 -10.41 1.67 -15.11
CA GLY B 141 -11.17 2.16 -16.24
C GLY B 141 -11.02 1.31 -17.50
N GLY B 142 -10.54 0.08 -17.34
CA GLY B 142 -10.35 -0.84 -18.45
C GLY B 142 -11.52 -1.79 -18.64
N GLU B 143 -11.44 -2.56 -19.73
CA GLU B 143 -12.41 -3.56 -20.06
C GLU B 143 -11.72 -4.92 -19.93
N ILE B 144 -12.25 -5.81 -19.09
CA ILE B 144 -11.65 -7.12 -18.87
C ILE B 144 -12.09 -8.13 -19.93
N HIS B 145 -11.13 -8.89 -20.46
CA HIS B 145 -11.39 -9.97 -21.40
C HIS B 145 -10.68 -11.24 -20.93
N PHE B 146 -11.25 -12.38 -21.31
CA PHE B 146 -10.88 -13.66 -20.74
C PHE B 146 -10.39 -14.66 -21.79
N ALA B 147 -9.20 -15.19 -21.58
CA ALA B 147 -8.69 -16.29 -22.38
C ALA B 147 -8.99 -17.58 -21.61
N ASN B 148 -9.97 -18.36 -22.08
CA ASN B 148 -10.34 -19.60 -21.39
C ASN B 148 -9.20 -20.63 -21.32
N CYS B 149 -9.15 -21.36 -20.21
CA CYS B 149 -8.13 -22.38 -19.99
C CYS B 149 -8.76 -23.78 -19.85
N PRO B 150 -9.07 -24.42 -20.98
CA PRO B 150 -9.72 -25.73 -20.92
C PRO B 150 -8.75 -26.89 -20.70
N ALA B 151 -9.26 -27.99 -20.15
CA ALA B 151 -8.51 -29.24 -20.07
C ALA B 151 -8.16 -29.72 -21.48
N PRO B 152 -7.10 -30.55 -21.62
CA PRO B 152 -6.32 -31.13 -20.54
C PRO B 152 -5.10 -30.31 -20.06
N SER B 153 -4.63 -29.35 -20.85
CA SER B 153 -3.42 -28.60 -20.47
C SER B 153 -3.72 -27.41 -19.55
N PHE B 154 -4.94 -26.88 -19.64
CA PHE B 154 -5.35 -25.65 -18.93
C PHE B 154 -4.50 -24.44 -19.28
N ASN B 155 -3.87 -24.48 -20.45
CA ASN B 155 -3.18 -23.32 -20.96
C ASN B 155 -4.21 -22.34 -21.56
N PRO B 156 -3.88 -21.05 -21.58
CA PRO B 156 -4.83 -20.05 -22.10
C PRO B 156 -5.05 -20.16 -23.62
N ASP B 157 -6.33 -20.12 -24.03
CA ASP B 157 -6.72 -20.17 -25.44
C ASP B 157 -6.83 -18.74 -25.97
N TRP B 158 -5.73 -18.23 -26.54
CA TRP B 158 -5.66 -16.83 -26.95
C TRP B 158 -6.51 -16.56 -28.20
N ARG B 159 -6.72 -17.62 -28.99
CA ARG B 159 -7.46 -17.55 -30.25
C ARG B 159 -8.92 -17.12 -30.08
N SER B 160 -9.47 -17.30 -28.88
CA SER B 160 -10.83 -16.86 -28.60
C SER B 160 -10.95 -15.33 -28.59
N ILE B 161 -9.83 -14.64 -28.40
CA ILE B 161 -9.83 -13.18 -28.30
C ILE B 161 -9.73 -12.59 -29.72
N SER B 162 -10.67 -11.73 -30.08
CA SER B 162 -10.71 -11.13 -31.42
C SER B 162 -9.59 -10.14 -31.68
N GLU B 163 -9.36 -9.89 -32.96
CA GLU B 163 -8.34 -8.94 -33.41
CA GLU B 163 -8.35 -8.94 -33.41
C GLU B 163 -8.65 -7.54 -32.89
N GLU B 164 -9.94 -7.21 -32.84
CA GLU B 164 -10.43 -5.91 -32.38
C GLU B 164 -10.06 -5.66 -30.91
N VAL B 165 -10.19 -6.70 -30.08
CA VAL B 165 -9.80 -6.62 -28.67
C VAL B 165 -8.28 -6.57 -28.52
N TRP B 166 -7.57 -7.42 -29.28
CA TRP B 166 -6.12 -7.42 -29.25
C TRP B 166 -5.55 -6.07 -29.58
N LYS B 167 -6.14 -5.38 -30.56
CA LYS B 167 -5.67 -4.05 -30.96
C LYS B 167 -5.75 -2.98 -29.86
N ARG B 168 -6.56 -3.16 -28.84
CA ARG B 168 -6.58 -2.18 -27.75
C ARG B 168 -6.20 -2.80 -26.41
N THR B 169 -5.54 -3.96 -26.45
CA THR B 169 -5.09 -4.66 -25.26
C THR B 169 -3.76 -4.06 -24.76
N LYS B 170 -3.78 -3.56 -23.53
CA LYS B 170 -2.62 -2.87 -22.97
C LYS B 170 -1.76 -3.80 -22.11
N LEU B 171 -2.39 -4.84 -21.56
CA LEU B 171 -1.71 -5.77 -20.68
C LEU B 171 -2.37 -7.13 -20.74
N VAL B 172 -1.55 -8.17 -20.59
CA VAL B 172 -2.00 -9.55 -20.50
C VAL B 172 -1.43 -10.11 -19.21
N PHE B 173 -2.28 -10.77 -18.43
CA PHE B 173 -1.83 -11.52 -17.26
C PHE B 173 -1.57 -12.98 -17.62
N VAL B 174 -0.49 -13.50 -17.06
CA VAL B 174 -0.23 -14.94 -17.01
C VAL B 174 -0.09 -15.29 -15.53
N CYS B 175 -0.71 -16.38 -15.12
CA CYS B 175 -0.53 -16.87 -13.74
C CYS B 175 0.07 -18.26 -13.84
N SER B 176 1.31 -18.40 -13.38
CA SER B 176 2.10 -19.61 -13.61
C SER B 176 3.12 -19.82 -12.48
N PRO B 177 2.95 -20.88 -11.70
CA PRO B 177 1.88 -21.89 -11.74
C PRO B 177 0.49 -21.30 -11.52
N ASN B 178 -0.51 -21.86 -12.18
CA ASN B 178 -1.83 -21.29 -12.16
C ASN B 178 -2.62 -21.59 -10.88
N ASN B 179 -3.31 -20.56 -10.38
CA ASN B 179 -4.39 -20.74 -9.42
C ASN B 179 -5.67 -20.55 -10.22
N PRO B 180 -6.50 -21.61 -10.37
CA PRO B 180 -6.54 -22.87 -9.66
C PRO B 180 -5.96 -24.10 -10.32
N SER B 181 -5.56 -24.05 -11.59
CA SER B 181 -5.33 -25.29 -12.34
C SER B 181 -4.00 -25.98 -12.07
N GLY B 182 -3.06 -25.28 -11.43
CA GLY B 182 -1.71 -25.79 -11.20
C GLY B 182 -0.81 -25.75 -12.42
N SER B 183 -1.35 -25.36 -13.57
CA SER B 183 -0.64 -25.47 -14.84
C SER B 183 0.53 -24.50 -14.89
N VAL B 184 1.67 -24.98 -15.39
CA VAL B 184 2.84 -24.13 -15.62
C VAL B 184 3.00 -23.91 -17.11
N LEU B 185 2.91 -22.66 -17.52
CA LEU B 185 3.06 -22.32 -18.92
C LEU B 185 4.44 -22.74 -19.42
N ASP B 186 4.48 -23.50 -20.48
CA ASP B 186 5.73 -24.08 -20.94
C ASP B 186 6.37 -23.22 -22.03
N LEU B 187 7.48 -23.66 -22.61
CA LEU B 187 8.18 -22.84 -23.61
C LEU B 187 7.31 -22.53 -24.82
N ASP B 188 6.54 -23.52 -25.26
CA ASP B 188 5.66 -23.30 -26.39
CA ASP B 188 5.65 -23.34 -26.38
C ASP B 188 4.58 -22.28 -26.07
N GLY B 189 4.04 -22.36 -24.85
CA GLY B 189 3.04 -21.38 -24.43
C GLY B 189 3.60 -19.97 -24.32
N TRP B 190 4.81 -19.85 -23.76
CA TRP B 190 5.49 -18.54 -23.67
C TRP B 190 5.80 -17.99 -25.07
N LYS B 191 6.29 -18.84 -25.98
CA LYS B 191 6.58 -18.38 -27.33
C LYS B 191 5.30 -17.83 -27.99
N GLU B 192 4.18 -18.50 -27.78
CA GLU B 192 2.91 -18.03 -28.32
C GLU B 192 2.54 -16.63 -27.83
N VAL B 193 2.71 -16.38 -26.53
CA VAL B 193 2.34 -15.08 -25.97
C VAL B 193 3.36 -13.99 -26.38
N PHE B 194 4.64 -14.34 -26.44
CA PHE B 194 5.66 -13.44 -26.97
C PHE B 194 5.42 -13.05 -28.44
N ASP B 195 4.99 -14.01 -29.25
CA ASP B 195 4.61 -13.72 -30.64
C ASP B 195 3.42 -12.77 -30.69
N LEU B 196 2.43 -12.98 -29.83
CA LEU B 196 1.28 -12.05 -29.76
C LEU B 196 1.74 -10.65 -29.32
N GLN B 197 2.70 -10.59 -28.41
CA GLN B 197 3.22 -9.30 -27.93
C GLN B 197 3.94 -8.56 -29.04
N ASP B 198 4.71 -9.27 -29.85
CA ASP B 198 5.35 -8.65 -31.00
C ASP B 198 4.32 -8.09 -31.95
N LYS B 199 3.20 -8.80 -32.12
CA LYS B 199 2.13 -8.33 -33.00
C LYS B 199 1.36 -7.11 -32.46
N TYR B 200 1.10 -7.08 -31.17
CA TYR B 200 0.12 -6.14 -30.59
C TYR B 200 0.67 -5.17 -29.54
N GLY B 201 1.83 -5.46 -28.96
CA GLY B 201 2.56 -4.47 -28.17
C GLY B 201 2.12 -4.28 -26.72
N PHE B 202 1.31 -5.20 -26.20
CA PHE B 202 0.90 -5.18 -24.78
C PHE B 202 2.04 -5.52 -23.84
N ILE B 203 1.88 -5.14 -22.59
CA ILE B 203 2.78 -5.55 -21.50
C ILE B 203 2.34 -6.92 -21.01
N ILE B 204 3.31 -7.77 -20.63
CA ILE B 204 3.03 -9.04 -19.95
C ILE B 204 3.38 -8.92 -18.48
N ALA B 205 2.39 -9.23 -17.63
CA ALA B 205 2.54 -9.31 -16.17
C ALA B 205 2.36 -10.77 -15.79
N SER B 206 3.42 -11.39 -15.30
CA SER B 206 3.41 -12.82 -14.94
C SER B 206 3.42 -12.98 -13.42
N ASP B 207 2.33 -13.55 -12.91
CA ASP B 207 2.11 -13.76 -11.48
C ASP B 207 2.66 -15.13 -11.14
N GLU B 208 3.83 -15.15 -10.50
CA GLU B 208 4.61 -16.37 -10.28
C GLU B 208 4.73 -16.70 -8.79
N CYS B 209 3.77 -16.26 -7.98
CA CYS B 209 3.85 -16.47 -6.52
C CYS B 209 3.88 -17.94 -6.08
N TYR B 210 3.50 -18.87 -6.95
CA TYR B 210 3.57 -20.32 -6.63
C TYR B 210 4.82 -21.05 -7.13
N SER B 211 5.83 -20.31 -7.58
CA SER B 211 7.02 -20.89 -8.27
C SER B 211 7.77 -21.90 -7.42
N GLU B 212 7.69 -21.79 -6.09
CA GLU B 212 8.44 -22.69 -5.20
C GLU B 212 7.65 -23.89 -4.69
N ILE B 213 6.40 -24.00 -5.10
CA ILE B 213 5.54 -25.09 -4.66
C ILE B 213 5.45 -26.09 -5.78
N TYR B 214 6.34 -27.07 -5.76
CA TYR B 214 6.45 -28.03 -6.85
C TYR B 214 6.96 -29.38 -6.35
N PHE B 215 6.99 -30.36 -7.25
CA PHE B 215 7.24 -31.75 -6.87
C PHE B 215 8.52 -32.30 -7.48
N ASP B 216 9.20 -33.17 -6.73
CA ASP B 216 10.28 -34.02 -7.27
C ASP B 216 11.27 -33.31 -8.15
N GLY B 217 11.73 -32.13 -7.76
CA GLY B 217 12.73 -31.42 -8.55
C GLY B 217 12.29 -30.81 -9.88
N ASN B 218 10.99 -30.88 -10.20
CA ASN B 218 10.48 -30.34 -11.46
CA ASN B 218 10.45 -30.34 -11.45
C ASN B 218 10.10 -28.86 -11.26
N LYS B 219 11.11 -28.01 -11.35
CA LYS B 219 10.95 -26.58 -11.08
C LYS B 219 10.14 -25.88 -12.16
N PRO B 220 9.11 -25.10 -11.78
CA PRO B 220 8.38 -24.36 -12.81
C PRO B 220 9.23 -23.33 -13.57
N LEU B 221 9.10 -23.35 -14.90
CA LEU B 221 9.64 -22.31 -15.76
C LEU B 221 9.02 -20.97 -15.39
N GLY B 222 9.86 -19.94 -15.35
CA GLY B 222 9.41 -18.56 -15.17
C GLY B 222 9.48 -17.75 -16.45
N CYS B 223 8.79 -16.61 -16.45
CA CYS B 223 8.70 -15.72 -17.62
CA CYS B 223 8.71 -15.79 -17.65
C CYS B 223 10.06 -15.22 -18.07
N LEU B 224 10.86 -14.74 -17.12
CA LEU B 224 12.16 -14.18 -17.49
C LEU B 224 13.11 -15.27 -17.99
N GLN B 225 13.05 -16.43 -17.35
CA GLN B 225 13.77 -17.61 -17.82
C GLN B 225 13.33 -18.03 -19.23
N ALA B 226 12.02 -18.06 -19.49
CA ALA B 226 11.50 -18.40 -20.80
C ALA B 226 12.06 -17.44 -21.86
N ALA B 227 12.05 -16.13 -21.52
CA ALA B 227 12.59 -15.10 -22.44
C ALA B 227 14.05 -15.38 -22.76
N ALA B 228 14.83 -15.67 -21.71
CA ALA B 228 16.25 -15.97 -21.87
C ALA B 228 16.47 -17.22 -22.73
N GLN B 229 15.68 -18.27 -22.47
CA GLN B 229 15.80 -19.51 -23.25
C GLN B 229 15.46 -19.32 -24.73
N LEU B 230 14.61 -18.35 -25.03
CA LEU B 230 14.18 -18.06 -26.40
C LEU B 230 14.93 -16.86 -27.00
N GLY B 231 15.96 -16.38 -26.31
CA GLY B 231 16.76 -15.26 -26.78
C GLY B 231 16.04 -13.94 -26.92
N ARG B 232 15.02 -13.73 -26.08
CA ARG B 232 14.19 -12.54 -26.15
C ARG B 232 14.58 -11.56 -25.05
N SER B 233 14.54 -10.26 -25.38
CA SER B 233 14.74 -9.21 -24.36
C SER B 233 13.60 -9.15 -23.36
N ARG B 234 13.80 -8.38 -22.32
CA ARG B 234 12.79 -8.19 -21.26
C ARG B 234 11.84 -7.04 -21.52
N GLN B 235 11.86 -6.49 -22.73
CA GLN B 235 11.01 -5.37 -23.05
C GLN B 235 9.53 -5.73 -22.82
N LYS B 236 8.85 -4.92 -22.01
CA LYS B 236 7.44 -5.08 -21.73
C LYS B 236 7.10 -6.40 -21.02
N LEU B 237 8.09 -6.91 -20.27
CA LEU B 237 7.92 -8.09 -19.43
C LEU B 237 8.15 -7.75 -17.99
N LEU B 238 7.20 -8.16 -17.14
CA LEU B 238 7.38 -8.02 -15.69
C LEU B 238 6.92 -9.27 -14.97
N PHE B 240 5.96 -10.84 -11.21
CA PHE B 240 5.50 -10.46 -9.87
C PHE B 240 5.57 -11.70 -9.01
N THR B 241 6.24 -11.60 -7.86
CA THR B 241 6.31 -12.73 -6.94
C THR B 241 6.26 -12.26 -5.49
N SER B 242 6.30 -13.21 -4.57
CA SER B 242 5.93 -12.98 -3.21
C SER B 242 6.59 -13.99 -2.30
N LEU B 243 6.82 -13.58 -1.07
CA LEU B 243 7.20 -14.50 0.00
C LEU B 243 6.03 -15.25 0.63
N SER B 244 4.79 -14.91 0.23
CA SER B 244 3.60 -15.39 0.96
C SER B 244 3.47 -16.92 0.97
N ARG B 246 5.80 -19.14 -0.71
CA ARG B 246 7.13 -19.70 -0.59
C ARG B 246 7.60 -19.91 0.86
N SER B 247 7.33 -18.91 1.70
CA SER B 247 7.97 -18.81 3.02
C SER B 247 6.99 -18.74 4.19
N ASN B 248 5.71 -18.97 3.93
CA ASN B 248 4.68 -18.99 4.97
C ASN B 248 4.60 -17.68 5.74
N VAL B 249 4.74 -16.59 5.01
CA VAL B 249 4.62 -15.27 5.61
C VAL B 249 3.63 -14.38 4.83
N PRO B 250 2.41 -14.88 4.61
CA PRO B 250 1.44 -14.01 3.94
C PRO B 250 1.24 -12.70 4.69
N GLY B 251 1.45 -12.73 6.01
CA GLY B 251 1.26 -11.56 6.83
C GLY B 251 2.38 -10.53 6.76
N LEU B 252 3.56 -10.94 6.29
CA LEU B 252 4.69 -10.01 6.20
C LEU B 252 4.47 -8.95 5.11
N ARG B 253 3.65 -9.28 4.12
CA ARG B 253 3.38 -8.40 2.98
C ARG B 253 4.68 -8.00 2.26
N SER B 254 5.31 -8.98 1.62
CA SER B 254 6.59 -8.73 0.96
C SER B 254 6.81 -9.58 -0.26
N GLY B 255 7.20 -8.92 -1.34
CA GLY B 255 7.52 -9.59 -2.58
C GLY B 255 8.45 -8.70 -3.39
N PHE B 256 8.54 -8.97 -4.68
CA PHE B 256 9.24 -8.09 -5.63
C PHE B 256 8.63 -8.19 -7.02
N VAL B 257 8.89 -7.16 -7.82
CA VAL B 257 8.58 -7.16 -9.25
C VAL B 257 9.94 -7.03 -9.97
N ALA B 258 10.10 -7.74 -11.09
CA ALA B 258 11.36 -7.71 -11.83
C ALA B 258 11.12 -7.81 -13.33
N GLY B 259 11.96 -7.12 -14.10
CA GLY B 259 11.91 -7.17 -15.55
C GLY B 259 12.30 -5.81 -16.12
N ASP B 260 11.61 -5.40 -17.17
CA ASP B 260 11.88 -4.19 -17.94
C ASP B 260 12.26 -2.99 -17.08
N ALA B 261 13.53 -2.58 -17.17
CA ALA B 261 14.06 -1.46 -16.38
C ALA B 261 13.33 -0.15 -16.67
N GLU B 262 12.91 0.01 -17.92
CA GLU B 262 12.19 1.22 -18.32
C GLU B 262 10.80 1.29 -17.69
N LEU B 263 10.09 0.16 -17.66
CA LEU B 263 8.81 0.11 -16.95
C LEU B 263 9.01 0.39 -15.46
N LEU B 264 10.02 -0.23 -14.86
CA LEU B 264 10.23 -0.09 -13.41
C LEU B 264 10.70 1.31 -13.00
N LYS B 265 11.43 2.00 -13.88
CA LYS B 265 11.84 3.37 -13.59
C LYS B 265 10.60 4.24 -13.34
N ASN B 266 9.61 4.15 -14.24
CA ASN B 266 8.39 4.92 -14.10
C ASN B 266 7.46 4.43 -12.99
N PHE B 267 7.40 3.11 -12.80
CA PHE B 267 6.60 2.54 -11.70
C PHE B 267 7.12 3.02 -10.34
N LEU B 268 8.44 3.06 -10.18
CA LEU B 268 9.04 3.58 -8.93
C LEU B 268 8.60 5.02 -8.65
N LEU B 269 8.57 5.88 -9.68
CA LEU B 269 8.19 7.25 -9.47
C LEU B 269 6.75 7.30 -8.96
N TYR B 270 5.89 6.49 -9.57
CA TYR B 270 4.49 6.43 -9.14
C TYR B 270 4.37 5.94 -7.68
N ARG B 271 5.10 4.88 -7.37
CA ARG B 271 5.04 4.24 -6.06
C ARG B 271 5.49 5.16 -4.92
N THR B 272 6.34 6.13 -5.23
CA THR B 272 6.77 7.10 -4.23
CA THR B 272 6.77 7.08 -4.21
C THR B 272 5.58 7.90 -3.71
N TYR B 273 4.61 8.19 -4.59
CA TYR B 273 3.37 8.86 -4.23
C TYR B 273 2.29 7.90 -3.69
N HIS B 274 2.23 6.72 -4.28
CA HIS B 274 1.25 5.70 -3.94
C HIS B 274 1.52 5.14 -2.52
N GLY B 275 2.74 5.35 -1.99
CA GLY B 275 3.02 5.15 -0.58
C GLY B 275 3.35 3.71 -0.23
N SER B 276 4.09 3.05 -1.12
CA SER B 276 4.35 1.61 -0.96
C SER B 276 5.83 1.26 -0.72
N ALA B 277 6.50 2.05 0.12
CA ALA B 277 7.86 1.77 0.57
C ALA B 277 7.82 0.75 1.72
N SER B 279 8.91 -1.06 5.17
CA SER B 279 9.50 -1.02 6.50
C SER B 279 10.87 -1.68 6.49
N ILE B 280 11.89 -1.02 7.03
CA ILE B 280 13.23 -1.58 6.98
C ILE B 280 13.33 -2.95 7.70
N PRO B 281 12.75 -3.09 8.92
CA PRO B 281 12.75 -4.43 9.53
C PRO B 281 12.09 -5.53 8.67
N VAL B 282 11.10 -5.13 7.87
CA VAL B 282 10.47 -6.06 6.92
C VAL B 282 11.43 -6.39 5.78
N GLN B 283 12.16 -5.38 5.30
CA GLN B 283 13.24 -5.63 4.33
C GLN B 283 14.29 -6.61 4.85
N ARG B 284 14.69 -6.46 6.11
CA ARG B 284 15.73 -7.33 6.72
C ARG B 284 15.23 -8.77 6.86
N ALA B 285 13.97 -8.90 7.30
CA ALA B 285 13.30 -10.21 7.36
C ALA B 285 13.20 -10.86 5.96
N SER B 286 12.93 -10.03 4.96
CA SER B 286 12.84 -10.46 3.55
C SER B 286 14.19 -10.92 2.98
N ILE B 287 15.26 -10.19 3.30
CA ILE B 287 16.62 -10.60 2.93
C ILE B 287 16.92 -11.99 3.50
N ALA B 288 16.58 -12.18 4.78
CA ALA B 288 16.80 -13.46 5.46
C ALA B 288 16.00 -14.58 4.75
N ALA B 289 14.79 -14.25 4.34
CA ALA B 289 13.90 -15.18 3.68
C ALA B 289 14.42 -15.57 2.29
N TRP B 290 14.75 -14.58 1.47
CA TRP B 290 15.21 -14.88 0.11
C TRP B 290 16.56 -15.60 0.12
N ASP B 291 17.39 -15.30 1.11
CA ASP B 291 18.71 -15.94 1.24
C ASP B 291 18.68 -17.41 1.67
N ASP B 292 17.62 -17.84 2.38
CA ASP B 292 17.55 -19.18 2.95
C ASP B 292 16.67 -20.09 2.09
N GLU B 293 17.18 -21.27 1.74
CA GLU B 293 16.38 -22.25 1.03
C GLU B 293 15.94 -23.41 1.90
N GLN B 294 16.57 -23.61 3.06
CA GLN B 294 16.22 -24.77 3.88
C GLN B 294 14.74 -24.76 4.28
N HIS B 295 14.22 -23.60 4.66
CA HIS B 295 12.80 -23.53 5.06
C HIS B 295 11.88 -23.78 3.86
N VAL B 296 12.38 -23.50 2.66
CA VAL B 296 11.60 -23.68 1.44
C VAL B 296 11.57 -25.16 1.04
N ILE B 297 12.73 -25.79 1.13
CA ILE B 297 12.87 -27.24 0.93
C ILE B 297 11.93 -27.99 1.89
N ASP B 298 11.94 -27.61 3.16
CA ASP B 298 11.10 -28.23 4.18
C ASP B 298 9.62 -28.05 3.84
N ASN B 299 9.31 -26.85 3.33
CA ASN B 299 7.94 -26.51 2.93
C ASN B 299 7.44 -27.42 1.78
N ARG B 300 8.24 -27.55 0.72
CA ARG B 300 7.90 -28.46 -0.39
C ARG B 300 7.71 -29.90 0.04
N ARG B 301 8.57 -30.35 0.95
CA ARG B 301 8.47 -31.69 1.49
C ARG B 301 7.08 -31.93 2.14
N LEU B 302 6.59 -30.96 2.90
CA LEU B 302 5.24 -31.06 3.52
C LEU B 302 4.15 -31.20 2.46
N TYR B 303 4.19 -30.36 1.41
CA TYR B 303 3.18 -30.42 0.36
C TYR B 303 3.26 -31.71 -0.43
N GLN B 304 4.46 -32.10 -0.81
CA GLN B 304 4.63 -33.30 -1.60
C GLN B 304 4.10 -34.54 -0.87
N GLU B 305 4.31 -34.61 0.43
CA GLU B 305 3.82 -35.73 1.21
C GLU B 305 2.27 -35.81 1.13
N LYS B 306 1.61 -34.67 1.16
CA LYS B 306 0.16 -34.62 1.07
C LYS B 306 -0.33 -35.13 -0.28
N PHE B 307 0.23 -34.62 -1.38
CA PHE B 307 -0.17 -35.08 -2.71
C PHE B 307 0.09 -36.56 -2.91
N GLU B 308 1.22 -37.05 -2.38
CA GLU B 308 1.59 -38.46 -2.55
C GLU B 308 0.59 -39.40 -1.90
N ARG B 309 -0.07 -38.95 -0.84
CA ARG B 309 -1.15 -39.73 -0.21
C ARG B 309 -2.54 -39.49 -0.82
N VAL B 310 -2.84 -38.22 -1.14
CA VAL B 310 -4.18 -37.80 -1.53
C VAL B 310 -4.52 -38.19 -2.97
N ILE B 311 -3.57 -38.02 -3.91
CA ILE B 311 -3.87 -38.33 -5.31
C ILE B 311 -4.32 -39.79 -5.53
N PRO B 312 -3.57 -40.77 -4.99
CA PRO B 312 -4.03 -42.14 -5.20
C PRO B 312 -5.35 -42.47 -4.54
N ILE B 313 -5.64 -41.87 -3.39
CA ILE B 313 -6.94 -42.06 -2.76
C ILE B 313 -8.05 -41.56 -3.69
N LEU B 314 -7.88 -40.35 -4.22
CA LEU B 314 -8.89 -39.72 -5.08
C LEU B 314 -9.05 -40.47 -6.42
N GLN B 315 -7.95 -41.02 -6.94
CA GLN B 315 -7.97 -41.82 -8.17
C GLN B 315 -8.79 -43.11 -8.10
N GLN B 316 -9.23 -43.54 -6.90
CA GLN B 316 -10.20 -44.64 -6.79
C GLN B 316 -11.53 -44.31 -7.48
N VAL B 317 -11.87 -43.03 -7.53
CA VAL B 317 -13.18 -42.54 -7.95
C VAL B 317 -13.07 -41.47 -9.05
N PHE B 318 -12.09 -40.57 -8.94
CA PHE B 318 -11.98 -39.40 -9.81
C PHE B 318 -10.88 -39.52 -10.86
N ASP B 319 -11.09 -38.80 -11.96
CA ASP B 319 -10.09 -38.67 -13.02
C ASP B 319 -9.19 -37.50 -12.59
N VAL B 320 -8.10 -37.83 -11.92
CA VAL B 320 -7.27 -36.80 -11.30
C VAL B 320 -5.82 -37.22 -11.38
N LYS B 321 -4.94 -36.25 -11.50
CA LYS B 321 -3.49 -36.50 -11.45
C LYS B 321 -2.75 -35.36 -10.75
N LEU B 322 -1.48 -35.60 -10.43
CA LEU B 322 -0.65 -34.58 -9.83
C LEU B 322 -0.64 -33.33 -10.74
N PRO B 323 -0.87 -32.13 -10.20
CA PRO B 323 -0.77 -30.93 -11.05
C PRO B 323 0.67 -30.59 -11.37
N ASP B 324 0.92 -29.65 -12.28
CA ASP B 324 2.30 -29.27 -12.60
C ASP B 324 3.00 -28.71 -11.37
N ALA B 325 2.24 -27.95 -10.58
CA ALA B 325 2.75 -27.27 -9.42
C ALA B 325 1.58 -26.65 -8.60
N SER B 326 1.93 -25.87 -7.58
CA SER B 326 0.98 -25.25 -6.62
C SER B 326 0.44 -26.28 -5.62
N PHE B 327 -0.36 -25.80 -4.66
CA PHE B 327 -0.95 -26.66 -3.63
C PHE B 327 -2.42 -26.96 -3.82
N TYR B 328 -2.90 -26.76 -5.05
CA TYR B 328 -4.30 -27.01 -5.36
C TYR B 328 -4.50 -28.30 -6.13
N ILE B 329 -5.66 -28.90 -5.92
CA ILE B 329 -6.20 -29.90 -6.84
C ILE B 329 -7.45 -29.26 -7.49
N TRP B 330 -7.44 -29.23 -8.82
CA TRP B 330 -8.55 -28.73 -9.63
C TRP B 330 -9.31 -29.97 -10.06
N LEU B 331 -10.24 -30.41 -9.22
CA LEU B 331 -10.80 -31.74 -9.30
C LEU B 331 -11.98 -31.74 -10.26
N LYS B 332 -11.91 -32.62 -11.25
CA LYS B 332 -13.02 -32.84 -12.17
C LYS B 332 -14.16 -33.56 -11.47
N VAL B 333 -15.33 -32.94 -11.49
CA VAL B 333 -16.53 -33.46 -10.85
C VAL B 333 -17.19 -34.46 -11.82
N PRO B 334 -17.37 -35.72 -11.39
CA PRO B 334 -17.79 -36.73 -12.38
C PRO B 334 -19.06 -36.41 -13.16
N ASP B 335 -20.11 -35.89 -12.53
CA ASP B 335 -21.32 -35.55 -13.27
C ASP B 335 -21.39 -34.09 -13.77
N GLY B 336 -20.31 -33.34 -13.59
CA GLY B 336 -20.20 -31.96 -14.11
C GLY B 336 -20.79 -30.87 -13.21
N ASP B 337 -21.46 -31.24 -12.11
CA ASP B 337 -22.14 -30.26 -11.28
C ASP B 337 -21.30 -29.86 -10.06
N ASP B 338 -20.40 -28.89 -10.25
CA ASP B 338 -19.55 -28.40 -9.17
C ASP B 338 -20.32 -27.80 -8.00
N LEU B 339 -21.48 -27.20 -8.24
CA LEU B 339 -22.28 -26.63 -7.13
C LEU B 339 -22.89 -27.73 -6.25
N ALA B 340 -23.52 -28.72 -6.88
CA ALA B 340 -24.12 -29.84 -6.13
C ALA B 340 -23.04 -30.60 -5.36
N PHE B 341 -21.86 -30.74 -5.96
CA PHE B 341 -20.71 -31.39 -5.31
C PHE B 341 -20.37 -30.67 -4.01
N ALA B 342 -20.24 -29.33 -4.08
CA ALA B 342 -19.93 -28.54 -2.88
C ALA B 342 -21.03 -28.66 -1.82
N ARG B 343 -22.29 -28.64 -2.25
CA ARG B 343 -23.43 -28.75 -1.32
C ARG B 343 -23.42 -30.09 -0.58
N ASN B 344 -23.20 -31.17 -1.33
CA ASN B 344 -23.22 -32.52 -0.78
C ASN B 344 -22.08 -32.73 0.23
N LEU B 345 -20.88 -32.31 -0.13
CA LEU B 345 -19.73 -32.37 0.79
C LEU B 345 -19.94 -31.58 2.09
N TRP B 346 -20.55 -30.41 2.00
CA TRP B 346 -20.85 -29.61 3.17
C TRP B 346 -21.92 -30.29 4.02
N GLN B 347 -23.05 -30.66 3.41
CA GLN B 347 -24.14 -31.26 4.17
C GLN B 347 -23.72 -32.56 4.88
N LYS B 348 -22.95 -33.39 4.19
CA LYS B 348 -22.65 -34.73 4.67
C LYS B 348 -21.35 -34.85 5.50
N ALA B 349 -20.38 -33.98 5.26
CA ALA B 349 -19.06 -34.12 5.91
C ALA B 349 -18.47 -32.81 6.46
N ALA B 350 -19.21 -31.71 6.36
CA ALA B 350 -18.70 -30.39 6.71
C ALA B 350 -17.40 -30.08 5.97
N ILE B 351 -17.24 -30.62 4.77
CA ILE B 351 -16.07 -30.36 3.95
C ILE B 351 -16.39 -29.23 2.99
N GLN B 352 -15.53 -28.21 2.99
CA GLN B 352 -15.73 -27.02 2.15
C GLN B 352 -14.77 -27.05 0.97
N VAL B 353 -15.32 -27.02 -0.24
CA VAL B 353 -14.56 -26.92 -1.47
C VAL B 353 -15.15 -25.77 -2.25
N LEU B 354 -14.35 -25.22 -3.15
CA LEU B 354 -14.76 -24.04 -3.91
C LEU B 354 -15.27 -24.44 -5.29
N PRO B 355 -16.57 -24.22 -5.57
CA PRO B 355 -17.08 -24.43 -6.93
C PRO B 355 -16.27 -23.65 -7.97
N GLY B 356 -15.78 -24.38 -8.96
CA GLY B 356 -14.95 -23.78 -10.02
C GLY B 356 -15.59 -22.61 -10.75
N ARG B 357 -16.90 -22.65 -10.92
CA ARG B 357 -17.61 -21.59 -11.59
C ARG B 357 -17.49 -20.25 -10.84
N PHE B 358 -17.18 -20.28 -9.54
CA PHE B 358 -16.96 -19.04 -8.78
C PHE B 358 -15.57 -18.44 -9.04
N LEU B 359 -14.69 -19.15 -9.76
CA LEU B 359 -13.37 -18.61 -10.12
C LEU B 359 -13.29 -18.24 -11.59
N ALA B 360 -14.43 -18.23 -12.28
CA ALA B 360 -14.44 -18.02 -13.72
C ALA B 360 -15.69 -17.27 -14.16
N ARG B 361 -15.57 -16.55 -15.26
CA ARG B 361 -16.69 -15.84 -15.86
C ARG B 361 -17.26 -16.59 -17.04
N ASP B 362 -18.57 -16.39 -17.25
CA ASP B 362 -19.28 -16.93 -18.39
C ASP B 362 -18.74 -16.28 -19.67
N THR B 363 -18.59 -17.06 -20.73
CA THR B 363 -18.16 -16.53 -22.03
C THR B 363 -19.00 -17.16 -23.14
N GLU B 364 -18.83 -16.68 -24.37
CA GLU B 364 -19.52 -17.28 -25.52
C GLU B 364 -19.17 -18.76 -25.67
N GLN B 365 -18.03 -19.18 -25.13
CA GLN B 365 -17.58 -20.58 -25.15
C GLN B 365 -17.86 -21.33 -23.84
N GLY B 366 -18.71 -20.77 -22.99
CA GLY B 366 -19.04 -21.38 -21.71
C GLY B 366 -18.23 -20.82 -20.56
N ASN B 367 -18.41 -21.42 -19.40
CA ASN B 367 -17.69 -21.06 -18.19
C ASN B 367 -16.68 -22.16 -17.90
N PRO B 368 -15.37 -21.85 -17.98
CA PRO B 368 -14.36 -22.89 -17.91
C PRO B 368 -14.03 -23.39 -16.50
N GLY B 369 -14.74 -22.86 -15.50
CA GLY B 369 -14.68 -23.38 -14.13
C GLY B 369 -15.77 -24.36 -13.78
N GLU B 370 -16.88 -24.37 -14.54
CA GLU B 370 -17.93 -25.38 -14.34
C GLU B 370 -17.40 -26.79 -14.53
N GLY B 371 -17.86 -27.71 -13.68
CA GLY B 371 -17.39 -29.09 -13.73
C GLY B 371 -16.14 -29.37 -12.93
N TYR B 372 -15.62 -28.37 -12.20
CA TYR B 372 -14.43 -28.51 -11.34
C TYR B 372 -14.69 -27.91 -9.98
N VAL B 373 -14.00 -28.41 -8.96
CA VAL B 373 -13.88 -27.70 -7.69
C VAL B 373 -12.40 -27.53 -7.33
N ARG B 374 -12.08 -26.43 -6.65
CA ARG B 374 -10.74 -26.21 -6.16
C ARG B 374 -10.63 -26.70 -4.71
N ILE B 375 -9.63 -27.55 -4.51
CA ILE B 375 -9.29 -28.10 -3.21
C ILE B 375 -7.86 -27.63 -2.91
N ALA B 376 -7.64 -27.08 -1.72
CA ALA B 376 -6.30 -26.68 -1.28
C ALA B 376 -5.77 -27.66 -0.26
N LEU B 377 -4.55 -28.15 -0.47
CA LEU B 377 -3.88 -29.04 0.50
C LEU B 377 -2.91 -28.27 1.43
N VAL B 378 -3.49 -27.35 2.21
CA VAL B 378 -2.72 -26.47 3.08
C VAL B 378 -2.76 -26.94 4.53
N ALA B 379 -3.85 -27.57 4.96
CA ALA B 379 -3.90 -28.25 6.26
C ALA B 379 -2.92 -29.41 6.35
N ASP B 380 -2.76 -30.00 7.55
CA ASP B 380 -1.78 -31.05 7.70
C ASP B 380 -2.18 -32.32 6.94
N VAL B 381 -1.23 -33.23 6.75
CA VAL B 381 -1.46 -34.40 5.92
C VAL B 381 -2.62 -35.28 6.45
N ALA B 382 -2.73 -35.43 7.77
CA ALA B 382 -3.81 -36.24 8.35
C ALA B 382 -5.17 -35.65 8.01
N THR B 383 -5.28 -34.32 8.04
CA THR B 383 -6.52 -33.66 7.68
C THR B 383 -6.87 -33.85 6.19
N CYS B 384 -5.88 -33.70 5.33
CA CYS B 384 -6.05 -33.90 3.89
C CYS B 384 -6.43 -35.35 3.54
N VAL B 385 -5.76 -36.31 4.16
CA VAL B 385 -6.06 -37.72 3.90
C VAL B 385 -7.46 -38.07 4.35
N LYS B 386 -7.82 -37.68 5.57
CA LYS B 386 -9.21 -37.90 6.05
C LYS B 386 -10.26 -37.29 5.11
N ALA B 387 -10.03 -36.06 4.65
CA ALA B 387 -10.96 -35.42 3.70
C ALA B 387 -11.08 -36.19 2.39
N ALA B 388 -9.94 -36.57 1.82
CA ALA B 388 -9.90 -37.35 0.59
C ALA B 388 -10.67 -38.65 0.74
N GLU B 389 -10.45 -39.34 1.86
CA GLU B 389 -11.18 -40.59 2.12
C GLU B 389 -12.68 -40.36 2.29
N ASP B 390 -13.04 -39.26 2.97
CA ASP B 390 -14.45 -38.94 3.18
C ASP B 390 -15.13 -38.60 1.85
N ILE B 391 -14.44 -37.86 0.99
CA ILE B 391 -14.96 -37.52 -0.33
C ILE B 391 -15.16 -38.80 -1.15
N VAL B 392 -14.14 -39.65 -1.22
CA VAL B 392 -14.29 -40.93 -1.94
C VAL B 392 -15.45 -41.76 -1.40
N SER B 393 -15.60 -41.80 -0.08
CA SER B 393 -16.68 -42.56 0.53
C SER B 393 -18.04 -42.07 0.06
N LEU B 394 -18.16 -40.77 -0.19
CA LEU B 394 -19.43 -40.21 -0.64
C LEU B 394 -19.70 -40.44 -2.13
N TYR B 395 -18.67 -40.75 -2.92
CA TYR B 395 -18.83 -40.85 -4.39
C TYR B 395 -18.54 -42.24 -4.96
N ARG B 396 -18.03 -43.17 -4.14
CA ARG B 396 -17.72 -44.52 -4.62
C ARG B 396 -18.97 -45.40 -4.73
#